data_1RGT
#
_entry.id   1RGT
#
_cell.length_a   49.791
_cell.length_b   104.894
_cell.length_c   194.124
_cell.angle_alpha   90.00
_cell.angle_beta   90.00
_cell.angle_gamma   90.00
#
_symmetry.space_group_name_H-M   'P 21 21 21'
#
loop_
_entity.id
_entity.type
_entity.pdbx_description
1 polymer "5'-D(*AP*GP*TP*C)-3'"
2 polymer 'Tyrosyl-DNA phosphodiesterase 1'
3 non-polymer 'VANADATE ION'
4 non-polymer SPERMINE
5 non-polymer 4-(2S-AMINO-1-HYDROXYETHYL)PHENOL
6 non-polymer 4-(2R-AMINO-1-HYDROXYETHYL)PHENOL
7 water water
#
loop_
_entity_poly.entity_id
_entity_poly.type
_entity_poly.pdbx_seq_one_letter_code
_entity_poly.pdbx_strand_id
1 'polydeoxyribonucleotide' (DA)(DG)(DT)(DC) D,F
2 'polypeptide(L)'
;MGSSHHHHHHSSGLVPRGSHMLEDPGEGQDIWDMLDKGNPFQFYLTRVSGVKPKYNSGALHIKDILSPLFGTLVSSAQFN
YCFDVDWLVKQYPPEFRKKPILLVHGDKREAKAHLHAQAKPYENISLCQAKLDIAFGTHHTKMMLLLYEEGLRVVIHTSN
LIHADWHQKTQGIWLSPLYPRIADGTHKSGESPTHFKANLISYLTAYNAPSLKEWIDVIHKHDLSETNVYLIGSTPGRFQ
GSQKDNWGHFRLKKLLKDHASSMPNAESWPVVGQFSSVGSLGADESKWLCSEFKESMLTLGKESKTPGKSSVPLYLIYPS
VENVRTSLEGYPAGGSLPYSIQTAEKQNWLHSYFHKWSAETSGRSNAMPHIKTYMRPSPDFSKIAWFLVTSANLSKAAWG
ALEKNGTQLMIRSYELGVLFLPSALGLDSFKVKQKFFAGSQEPMATFPVPYDLPPELYGSKDRPWIWNIPYVKAPDTHGN
MWVPS
;
A,B
#
loop_
_chem_comp.id
_chem_comp.type
_chem_comp.name
_chem_comp.formula
DA DNA linking 2'-DEOXYADENOSINE-5'-MONOPHOSPHATE 'C10 H14 N5 O6 P'
DC DNA linking 2'-DEOXYCYTIDINE-5'-MONOPHOSPHATE 'C9 H14 N3 O7 P'
DG DNA linking 2'-DEOXYGUANOSINE-5'-MONOPHOSPHATE 'C10 H14 N5 O7 P'
DT DNA linking THYMIDINE-5'-MONOPHOSPHATE 'C10 H15 N2 O8 P'
OTR non-polymer 4-(2R-AMINO-1-HYDROXYETHYL)PHENOL 'C8 H11 N O2'
OTS non-polymer 4-(2S-AMINO-1-HYDROXYETHYL)PHENOL 'C8 H11 N O2'
SPM non-polymer SPERMINE 'C10 H26 N4'
VO4 non-polymer 'VANADATE ION' 'O4 V -3'
#
# COMPACT_ATOMS: atom_id res chain seq x y z
N ASN C 39 -16.51 -3.09 15.66
CA ASN C 39 -15.36 -2.49 16.40
C ASN C 39 -14.10 -2.53 15.54
N PRO C 40 -13.73 -1.38 14.96
CA PRO C 40 -12.69 -1.36 13.94
C PRO C 40 -11.29 -1.39 14.53
N PHE C 41 -11.18 -1.02 15.79
CA PHE C 41 -9.87 -0.84 16.42
C PHE C 41 -9.30 -2.12 17.01
N GLN C 42 -10.14 -2.90 17.69
CA GLN C 42 -9.71 -4.13 18.36
C GLN C 42 -8.59 -3.84 19.34
N PHE C 43 -8.68 -2.70 20.01
CA PHE C 43 -7.72 -2.30 21.02
C PHE C 43 -8.38 -2.61 22.37
N TYR C 44 -7.66 -3.34 23.21
CA TYR C 44 -8.16 -3.78 24.51
C TYR C 44 -7.16 -3.53 25.62
N LEU C 45 -7.68 -3.35 26.83
CA LEU C 45 -6.86 -3.31 28.04
C LEU C 45 -6.91 -4.71 28.68
N THR C 46 -5.90 -5.04 29.48
CA THR C 46 -5.88 -6.31 30.19
C THR C 46 -6.84 -6.21 31.39
N ARG C 47 -7.30 -7.35 31.87
CA ARG C 47 -8.13 -7.38 33.08
C ARG C 47 -7.32 -6.95 34.29
N VAL C 48 -7.94 -6.19 35.17
CA VAL C 48 -7.29 -5.79 36.41
C VAL C 48 -8.06 -6.45 37.55
N SER C 49 -7.35 -7.21 38.37
CA SER C 49 -7.98 -7.85 39.50
C SER C 49 -8.29 -6.80 40.57
N GLY C 50 -9.49 -6.88 41.13
CA GLY C 50 -9.85 -6.03 42.25
C GLY C 50 -10.39 -4.65 41.90
N VAL C 51 -10.92 -4.49 40.69
CA VAL C 51 -11.74 -3.31 40.41
C VAL C 51 -13.15 -3.80 40.15
N LYS C 52 -14.11 -2.89 40.20
CA LYS C 52 -15.49 -3.26 39.92
C LYS C 52 -15.54 -3.98 38.57
N PRO C 53 -16.34 -5.02 38.48
CA PRO C 53 -16.43 -5.84 37.27
C PRO C 53 -16.79 -5.05 36.02
N LYS C 54 -17.44 -3.91 36.20
CA LYS C 54 -17.82 -3.09 35.07
C LYS C 54 -16.59 -2.58 34.34
N TYR C 55 -15.48 -2.49 35.06
CA TYR C 55 -14.24 -1.96 34.50
C TYR C 55 -13.43 -3.05 33.80
N ASN C 56 -13.89 -4.29 33.95
CA ASN C 56 -13.28 -5.41 33.25
C ASN C 56 -14.17 -5.96 32.14
N SER C 57 -15.26 -5.28 31.82
CA SER C 57 -16.22 -5.83 30.84
C SER C 57 -15.66 -6.01 29.43
N GLY C 58 -15.01 -4.99 28.90
CA GLY C 58 -14.34 -5.15 27.61
C GLY C 58 -12.85 -5.51 27.71
N ALA C 59 -12.42 -6.05 28.84
CA ALA C 59 -10.98 -6.27 29.06
C ALA C 59 -10.63 -7.74 28.89
N LEU C 60 -9.36 -8.01 28.63
CA LEU C 60 -8.92 -9.36 28.33
C LEU C 60 -7.81 -9.85 29.23
N HIS C 61 -7.96 -11.06 29.75
CA HIS C 61 -6.84 -11.72 30.38
C HIS C 61 -6.19 -12.61 29.34
N ILE C 62 -4.91 -12.95 29.52
CA ILE C 62 -4.25 -13.89 28.61
C ILE C 62 -5.01 -15.21 28.46
N LYS C 63 -5.66 -15.68 29.51
CA LYS C 63 -6.45 -16.90 29.41
C LYS C 63 -7.57 -16.73 28.37
N ASP C 64 -8.20 -15.56 28.35
CA ASP C 64 -9.22 -15.24 27.34
C ASP C 64 -8.62 -15.28 25.94
N ILE C 65 -7.42 -14.71 25.78
CA ILE C 65 -6.79 -14.62 24.46
C ILE C 65 -6.50 -16.01 23.89
N LEU C 66 -6.16 -16.95 24.78
CA LEU C 66 -5.70 -18.28 24.38
C LEU C 66 -6.82 -19.31 24.38
N SER C 67 -8.02 -18.89 24.74
CA SER C 67 -9.17 -19.76 24.87
C SER C 67 -9.59 -20.38 23.54
N PRO C 68 -10.27 -21.52 23.61
CA PRO C 68 -10.74 -22.23 22.40
C PRO C 68 -11.76 -21.43 21.60
N LEU C 69 -12.46 -20.50 22.24
CA LEU C 69 -13.38 -19.63 21.52
C LEU C 69 -12.68 -18.75 20.47
N PHE C 70 -11.37 -18.55 20.63
CA PHE C 70 -10.58 -17.70 19.72
C PHE C 70 -10.03 -18.49 18.53
N GLY C 71 -10.11 -19.81 18.63
CA GLY C 71 -9.61 -20.68 17.58
C GLY C 71 -9.07 -21.98 18.13
N THR C 72 -9.01 -22.99 17.27
CA THR C 72 -8.46 -24.30 17.63
C THR C 72 -6.96 -24.36 17.41
N LEU C 73 -6.21 -24.20 18.49
CA LEU C 73 -4.77 -23.92 18.40
C LEU C 73 -3.96 -25.12 17.96
N VAL C 74 -2.93 -24.85 17.16
CA VAL C 74 -2.07 -25.86 16.59
C VAL C 74 -0.62 -25.60 16.98
N SER C 75 -0.27 -24.33 17.10
CA SER C 75 1.11 -23.94 17.34
C SER C 75 1.12 -22.46 17.70
N SER C 76 2.12 -22.02 18.44
CA SER C 76 2.18 -20.60 18.76
C SER C 76 3.59 -20.14 18.98
N ALA C 77 3.81 -18.84 18.80
CA ALA C 77 5.09 -18.21 19.12
C ALA C 77 4.83 -17.07 20.10
N GLN C 78 5.67 -17.01 21.14
CA GLN C 78 5.50 -16.01 22.18
C GLN C 78 6.78 -15.17 22.23
N PHE C 79 6.68 -13.96 21.68
CA PHE C 79 7.78 -13.00 21.68
C PHE C 79 7.65 -12.18 22.95
N ASN C 80 8.72 -12.06 23.70
CA ASN C 80 8.65 -11.20 24.87
C ASN C 80 10.01 -10.92 25.48
N TYR C 81 9.98 -10.21 26.61
CA TYR C 81 11.18 -9.81 27.31
C TYR C 81 11.39 -10.74 28.52
N CYS C 82 10.42 -10.77 29.43
CA CYS C 82 10.51 -11.65 30.60
C CYS C 82 9.45 -12.73 30.53
N PHE C 83 9.83 -13.92 30.98
CA PHE C 83 8.99 -15.12 30.89
C PHE C 83 8.99 -15.82 32.25
N ASP C 84 7.82 -16.28 32.67
CA ASP C 84 7.70 -17.27 33.72
C ASP C 84 7.03 -18.47 33.04
N VAL C 85 7.82 -19.47 32.66
CA VAL C 85 7.33 -20.55 31.81
C VAL C 85 6.23 -21.37 32.46
N ASP C 86 6.41 -21.72 33.74
CA ASP C 86 5.39 -22.48 34.45
C ASP C 86 4.06 -21.73 34.40
N TRP C 87 4.10 -20.45 34.73
CA TRP C 87 2.88 -19.63 34.68
C TRP C 87 2.31 -19.60 33.26
N LEU C 88 3.18 -19.43 32.27
CA LEU C 88 2.73 -19.26 30.88
C LEU C 88 1.96 -20.46 30.37
N VAL C 89 2.52 -21.64 30.59
CA VAL C 89 1.89 -22.85 30.10
C VAL C 89 0.53 -23.00 30.72
N LYS C 90 0.40 -22.60 31.98
CA LYS C 90 -0.87 -22.66 32.69
C LYS C 90 -1.92 -21.71 32.13
N GLN C 91 -1.49 -20.69 31.39
CA GLN C 91 -2.46 -19.76 30.79
C GLN C 91 -3.14 -20.38 29.56
N TYR C 92 -2.49 -21.37 28.96
CA TYR C 92 -3.10 -22.08 27.83
C TYR C 92 -4.18 -23.03 28.37
N PRO C 93 -5.26 -23.24 27.61
CA PRO C 93 -6.28 -24.21 28.02
C PRO C 93 -5.66 -25.60 28.07
N PRO C 94 -6.04 -26.42 29.04
CA PRO C 94 -5.48 -27.76 29.18
C PRO C 94 -5.41 -28.50 27.85
N GLU C 95 -6.47 -28.45 27.07
CA GLU C 95 -6.49 -29.10 25.74
C GLU C 95 -5.38 -28.64 24.77
N PHE C 96 -4.84 -27.43 24.98
CA PHE C 96 -3.83 -26.86 24.09
C PHE C 96 -2.43 -26.86 24.69
N ARG C 97 -2.33 -27.20 25.97
CA ARG C 97 -1.07 -27.08 26.70
C ARG C 97 0.10 -27.86 26.11
N LYS C 98 -0.19 -28.85 25.27
CA LYS C 98 0.89 -29.67 24.71
C LYS C 98 1.26 -29.31 23.26
N LYS C 99 0.52 -28.40 22.65
CA LYS C 99 0.89 -27.87 21.34
C LYS C 99 2.24 -27.14 21.39
N PRO C 100 2.97 -27.15 20.29
CA PRO C 100 4.31 -26.55 20.28
C PRO C 100 4.26 -25.05 20.59
N ILE C 101 5.21 -24.59 21.39
CA ILE C 101 5.32 -23.18 21.70
C ILE C 101 6.74 -22.78 21.43
N LEU C 102 6.91 -21.68 20.70
CA LEU C 102 8.23 -21.10 20.52
C LEU C 102 8.36 -19.86 21.40
N LEU C 103 9.38 -19.82 22.26
CA LEU C 103 9.62 -18.64 23.07
C LEU C 103 10.71 -17.81 22.41
N VAL C 104 10.40 -16.58 22.00
CA VAL C 104 11.40 -15.71 21.38
C VAL C 104 11.86 -14.63 22.37
N HIS C 105 13.14 -14.68 22.76
CA HIS C 105 13.67 -13.89 23.85
C HIS C 105 15.04 -13.36 23.47
N GLY C 106 15.63 -12.54 24.32
CA GLY C 106 16.95 -11.97 24.04
C GLY C 106 17.98 -12.25 25.13
N ASP C 107 17.68 -13.22 25.98
CA ASP C 107 18.52 -13.50 27.16
C ASP C 107 19.87 -14.11 26.77
N LYS C 108 20.90 -13.81 27.57
CA LYS C 108 22.25 -14.33 27.36
C LYS C 108 22.86 -14.93 28.63
N ARG C 109 24.00 -15.60 28.48
CA ARG C 109 24.73 -16.19 29.60
C ARG C 109 23.88 -16.94 30.61
N GLU C 110 23.92 -16.50 31.86
CA GLU C 110 23.23 -17.19 32.95
C GLU C 110 21.70 -17.11 32.84
N ALA C 111 21.20 -15.94 32.46
CA ALA C 111 19.75 -15.75 32.26
C ALA C 111 19.22 -16.71 31.21
N LYS C 112 19.93 -16.83 30.10
CA LYS C 112 19.58 -17.79 29.06
C LYS C 112 19.52 -19.21 29.63
N ALA C 113 20.58 -19.57 30.37
CA ALA C 113 20.60 -20.85 31.08
C ALA C 113 19.33 -21.05 31.90
N HIS C 114 18.98 -20.02 32.67
CA HIS C 114 17.81 -20.09 33.55
C HIS C 114 16.50 -20.34 32.79
N LEU C 115 16.35 -19.68 31.64
CA LEU C 115 15.15 -19.82 30.84
C LEU C 115 15.02 -21.22 30.24
N HIS C 116 16.13 -21.74 29.73
CA HIS C 116 16.17 -23.11 29.20
C HIS C 116 15.79 -24.10 30.29
N ALA C 117 16.33 -23.87 31.49
CA ALA C 117 15.98 -24.68 32.66
C ALA C 117 14.49 -24.60 32.97
N GLN C 118 13.93 -23.39 32.88
CA GLN C 118 12.48 -23.23 33.06
C GLN C 118 11.71 -24.07 32.03
N ALA C 119 12.21 -24.09 30.80
CA ALA C 119 11.51 -24.71 29.68
C ALA C 119 11.75 -26.22 29.56
N LYS C 120 12.95 -26.65 29.92
CA LYS C 120 13.34 -28.08 29.89
C LYS C 120 12.21 -29.09 30.13
N PRO C 121 11.46 -28.94 31.23
CA PRO C 121 10.38 -29.88 31.58
C PRO C 121 9.27 -30.01 30.52
N TYR C 122 9.12 -29.01 29.65
CA TYR C 122 8.04 -29.00 28.67
C TYR C 122 8.60 -29.36 27.30
N GLU C 123 8.33 -30.59 26.87
CA GLU C 123 8.89 -31.14 25.64
C GLU C 123 8.47 -30.33 24.40
N ASN C 124 7.29 -29.74 24.48
CA ASN C 124 6.68 -29.01 23.37
C ASN C 124 7.19 -27.58 23.20
N ILE C 125 8.13 -27.16 24.06
CA ILE C 125 8.63 -25.79 24.00
C ILE C 125 10.01 -25.65 23.38
N SER C 126 10.13 -24.81 22.36
CA SER C 126 11.44 -24.47 21.78
C SER C 126 11.76 -23.01 22.07
N LEU C 127 13.03 -22.66 22.03
CA LEU C 127 13.46 -21.28 22.25
C LEU C 127 14.18 -20.71 21.05
N CYS C 128 14.07 -19.39 20.86
CA CYS C 128 14.82 -18.66 19.85
C CYS C 128 15.48 -17.45 20.51
N GLN C 129 16.80 -17.48 20.63
CA GLN C 129 17.51 -16.33 21.17
C GLN C 129 17.70 -15.32 20.04
N ALA C 130 17.10 -14.14 20.19
CA ALA C 130 17.22 -13.07 19.22
C ALA C 130 18.56 -12.41 19.43
N LYS C 131 19.29 -12.24 18.33
CA LYS C 131 20.63 -11.66 18.42
C LYS C 131 20.57 -10.20 18.86
N LEU C 132 21.42 -9.87 19.82
CA LEU C 132 21.50 -8.51 20.33
C LEU C 132 22.95 -8.08 20.30
N ASP C 133 23.40 -7.63 19.13
CA ASP C 133 24.81 -7.34 18.93
C ASP C 133 25.20 -5.97 19.46
N ILE C 134 24.20 -5.17 19.83
CA ILE C 134 24.52 -3.86 20.35
C ILE C 134 24.33 -3.79 21.87
N ALA C 135 25.29 -3.20 22.54
CA ALA C 135 25.26 -3.15 23.99
C ALA C 135 24.03 -2.39 24.50
N PHE C 136 23.43 -2.92 25.56
CA PHE C 136 22.27 -2.31 26.23
C PHE C 136 20.98 -2.44 25.43
N GLY C 137 20.98 -3.29 24.42
CA GLY C 137 19.76 -3.61 23.72
C GLY C 137 18.99 -4.69 24.47
N THR C 138 17.69 -4.74 24.26
CA THR C 138 16.89 -5.83 24.80
C THR C 138 15.95 -6.33 23.71
N HIS C 139 15.53 -7.58 23.82
CA HIS C 139 14.42 -8.04 22.99
C HIS C 139 13.10 -7.72 23.70
N HIS C 140 12.53 -6.58 23.35
CA HIS C 140 11.46 -6.01 24.17
C HIS C 140 10.06 -6.15 23.60
N THR C 141 9.98 -6.58 22.33
CA THR C 141 8.73 -6.88 21.66
C THR C 141 7.84 -7.86 22.40
N LYS C 142 6.55 -7.52 22.48
CA LYS C 142 5.57 -8.43 23.01
C LYS C 142 4.61 -8.77 21.91
N MET C 143 4.67 -10.02 21.44
CA MET C 143 3.80 -10.41 20.35
C MET C 143 3.45 -11.89 20.47
N MET C 144 2.23 -12.24 20.07
CA MET C 144 1.85 -13.65 19.99
C MET C 144 1.53 -13.97 18.55
N LEU C 145 2.06 -15.08 18.03
CA LEU C 145 1.60 -15.60 16.75
C LEU C 145 0.85 -16.89 17.07
N LEU C 146 -0.42 -16.93 16.68
CA LEU C 146 -1.29 -18.01 17.07
C LEU C 146 -1.81 -18.69 15.81
N LEU C 147 -1.26 -19.86 15.51
CA LEU C 147 -1.68 -20.64 14.34
C LEU C 147 -2.75 -21.65 14.74
N TYR C 148 -3.90 -21.53 14.10
CA TYR C 148 -5.06 -22.36 14.37
C TYR C 148 -5.39 -23.26 13.17
N GLU C 149 -6.25 -24.24 13.43
CA GLU C 149 -6.83 -25.05 12.36
C GLU C 149 -7.56 -24.15 11.35
N GLU C 150 -8.19 -23.10 11.88
CA GLU C 150 -9.09 -22.24 11.10
C GLU C 150 -8.43 -20.98 10.50
N GLY C 151 -7.16 -20.78 10.81
CA GLY C 151 -6.46 -19.62 10.32
C GLY C 151 -5.34 -19.21 11.26
N LEU C 152 -5.04 -17.91 11.29
CA LEU C 152 -3.91 -17.36 12.00
C LEU C 152 -4.29 -16.04 12.70
N ARG C 153 -3.73 -15.82 13.87
CA ARG C 153 -3.96 -14.59 14.59
C ARG C 153 -2.64 -14.01 15.10
N VAL C 154 -2.55 -12.70 15.04
CA VAL C 154 -1.43 -11.95 15.57
C VAL C 154 -1.94 -11.08 16.70
N VAL C 155 -1.23 -11.11 17.83
CA VAL C 155 -1.56 -10.29 18.97
C VAL C 155 -0.34 -9.44 19.29
N ILE C 156 -0.49 -8.12 19.30
CA ILE C 156 0.62 -7.28 19.66
C ILE C 156 0.24 -6.50 20.90
N HIS C 157 1.05 -6.60 21.96
CA HIS C 157 0.62 -6.15 23.28
C HIS C 157 1.80 -5.55 24.07
N THR C 158 1.62 -5.32 25.37
CA THR C 158 2.64 -4.64 26.18
C THR C 158 3.07 -5.43 27.42
N SER C 159 2.53 -6.62 27.62
CA SER C 159 2.71 -7.34 28.89
C SER C 159 3.83 -8.36 28.83
N ASN C 160 4.65 -8.41 29.87
CA ASN C 160 5.58 -9.52 30.01
C ASN C 160 4.79 -10.78 30.31
N LEU C 161 5.38 -11.95 30.08
CA LEU C 161 4.65 -13.19 30.32
C LEU C 161 4.92 -13.68 31.75
N ILE C 162 4.46 -12.90 32.71
CA ILE C 162 4.58 -13.22 34.13
C ILE C 162 3.30 -12.77 34.80
N HIS C 163 2.96 -13.42 35.90
CA HIS C 163 1.67 -13.19 36.53
C HIS C 163 1.44 -11.71 36.84
N ALA C 164 2.42 -11.06 37.43
CA ALA C 164 2.22 -9.70 37.92
C ALA C 164 1.93 -8.68 36.81
N ASP C 165 2.37 -8.95 35.59
CA ASP C 165 2.08 -8.02 34.49
C ASP C 165 0.64 -8.09 34.03
N TRP C 166 -0.04 -9.18 34.38
CA TRP C 166 -1.44 -9.37 33.96
C TRP C 166 -2.41 -9.24 35.15
N HIS C 167 -1.90 -8.87 36.31
CA HIS C 167 -2.72 -8.85 37.53
C HIS C 167 -3.37 -7.48 37.81
N GLN C 168 -2.56 -6.49 38.18
CA GLN C 168 -3.10 -5.15 38.52
C GLN C 168 -2.43 -3.96 37.81
N LYS C 169 -2.01 -4.17 36.56
CA LYS C 169 -1.42 -3.10 35.78
C LYS C 169 -2.35 -2.68 34.67
N THR C 170 -2.15 -1.44 34.20
CA THR C 170 -2.75 -1.06 32.93
C THR C 170 -1.84 -1.50 31.80
N GLN C 171 -2.36 -2.38 30.94
CA GLN C 171 -1.61 -2.92 29.79
C GLN C 171 -2.54 -2.85 28.59
N GLY C 172 -1.97 -2.88 27.41
CA GLY C 172 -2.74 -2.76 26.18
C GLY C 172 -2.51 -3.90 25.21
N ILE C 173 -3.57 -4.21 24.45
CA ILE C 173 -3.57 -5.32 23.51
C ILE C 173 -4.18 -4.88 22.19
N TRP C 174 -3.55 -5.26 21.08
CA TRP C 174 -4.24 -5.20 19.79
C TRP C 174 -4.43 -6.62 19.30
N LEU C 175 -5.66 -6.94 18.92
CA LEU C 175 -5.98 -8.26 18.38
C LEU C 175 -6.22 -8.20 16.87
N SER C 176 -5.42 -8.91 16.08
CA SER C 176 -5.73 -8.99 14.66
C SER C 176 -7.05 -9.72 14.47
N PRO C 177 -7.65 -9.59 13.29
CA PRO C 177 -8.77 -10.46 12.92
C PRO C 177 -8.26 -11.90 12.77
N LEU C 178 -9.18 -12.85 12.59
CA LEU C 178 -8.79 -14.22 12.24
C LEU C 178 -8.43 -14.24 10.76
N TYR C 179 -7.16 -14.48 10.47
CA TYR C 179 -6.67 -14.46 9.10
C TYR C 179 -6.88 -15.87 8.50
N PRO C 180 -7.68 -16.00 7.45
CA PRO C 180 -7.87 -17.31 6.81
C PRO C 180 -6.69 -17.73 5.95
N ARG C 181 -6.56 -19.03 5.73
CA ARG C 181 -5.54 -19.55 4.82
C ARG C 181 -5.92 -19.16 3.39
N ILE C 182 -4.93 -18.84 2.57
CA ILE C 182 -5.20 -18.53 1.17
C ILE C 182 -5.55 -19.83 0.41
N ALA C 183 -6.70 -19.84 -0.25
CA ALA C 183 -7.15 -21.04 -0.97
C ALA C 183 -5.96 -21.65 -1.71
N ASP C 184 -5.57 -22.85 -1.28
CA ASP C 184 -4.38 -23.52 -1.81
C ASP C 184 -4.32 -23.60 -3.34
N GLY C 185 -5.36 -23.08 -4.00
CA GLY C 185 -5.39 -23.07 -5.45
C GLY C 185 -5.49 -21.70 -6.13
N THR C 186 -5.21 -20.62 -5.40
CA THR C 186 -5.40 -19.29 -5.95
C THR C 186 -4.19 -18.36 -5.81
N HIS C 187 -4.16 -17.31 -6.64
CA HIS C 187 -3.04 -16.39 -6.69
C HIS C 187 -3.39 -15.05 -6.05
N LYS C 188 -3.08 -14.89 -4.78
CA LYS C 188 -3.26 -13.60 -4.13
C LYS C 188 -2.15 -13.29 -3.15
N SER C 189 -1.90 -12.00 -2.95
CA SER C 189 -0.83 -11.55 -2.07
C SER C 189 -1.21 -11.78 -0.61
N GLY C 190 -2.50 -11.64 -0.29
CA GLY C 190 -2.96 -11.62 1.08
C GLY C 190 -2.58 -10.34 1.82
N GLU C 191 -2.17 -9.33 1.06
CA GLU C 191 -1.69 -8.07 1.61
C GLU C 191 -2.81 -7.06 1.90
N SER C 192 -2.62 -6.18 2.88
CA SER C 192 -3.61 -5.14 3.17
C SER C 192 -3.14 -3.82 2.59
N PRO C 193 -4.04 -2.85 2.47
CA PRO C 193 -3.63 -1.49 2.08
C PRO C 193 -2.58 -0.91 3.00
N THR C 194 -2.47 -1.39 4.25
CA THR C 194 -1.44 -0.85 5.16
C THR C 194 -0.10 -1.56 5.03
N HIS C 195 -0.07 -2.60 4.21
CA HIS C 195 1.15 -3.39 3.95
C HIS C 195 1.64 -4.14 5.17
N PHE C 196 0.68 -4.45 6.05
CA PHE C 196 0.97 -5.11 7.30
C PHE C 196 1.65 -6.48 7.11
N LYS C 197 1.22 -7.23 6.11
CA LYS C 197 1.79 -8.57 5.89
C LYS C 197 3.27 -8.50 5.50
N ALA C 198 3.58 -7.73 4.46
CA ALA C 198 4.99 -7.50 4.09
C ALA C 198 5.82 -6.92 5.22
N ASN C 199 5.26 -5.94 5.92
CA ASN C 199 5.99 -5.32 7.03
C ASN C 199 6.27 -6.29 8.21
N LEU C 200 5.32 -7.17 8.51
CA LEU C 200 5.51 -8.15 9.58
C LEU C 200 6.59 -9.17 9.17
N ILE C 201 6.57 -9.56 7.90
CA ILE C 201 7.60 -10.47 7.40
C ILE C 201 8.98 -9.87 7.44
N SER C 202 9.08 -8.60 7.02
CA SER C 202 10.35 -7.88 7.10
C SER C 202 10.84 -7.79 8.53
N TYR C 203 9.92 -7.54 9.47
CA TYR C 203 10.25 -7.51 10.89
C TYR C 203 10.85 -8.88 11.32
N LEU C 204 10.16 -9.97 11.00
CA LEU C 204 10.67 -11.29 11.38
C LEU C 204 11.98 -11.65 10.66
N THR C 205 12.10 -11.25 9.39
CA THR C 205 13.34 -11.47 8.63
C THR C 205 14.58 -10.87 9.28
N ALA C 206 14.40 -9.73 9.95
CA ALA C 206 15.55 -9.07 10.55
C ALA C 206 16.19 -9.91 11.65
N TYR C 207 15.48 -10.90 12.19
CA TYR C 207 16.05 -11.71 13.27
C TYR C 207 17.09 -12.66 12.70
N ASN C 208 16.91 -13.02 11.43
CA ASN C 208 17.77 -13.99 10.79
C ASN C 208 17.79 -15.31 11.56
N ALA C 209 16.61 -15.79 11.96
CA ALA C 209 16.49 -16.95 12.84
C ALA C 209 15.76 -18.10 12.16
N PRO C 210 16.39 -19.27 12.14
CA PRO C 210 15.81 -20.43 11.47
C PRO C 210 14.39 -20.71 11.93
N SER C 211 14.13 -20.66 13.24
CA SER C 211 12.80 -20.96 13.76
C SER C 211 11.72 -19.94 13.32
N LEU C 212 12.12 -18.71 13.04
CA LEU C 212 11.13 -17.73 12.59
C LEU C 212 10.82 -17.86 11.09
N LYS C 213 11.78 -18.35 10.32
CA LYS C 213 11.54 -18.55 8.89
C LYS C 213 10.29 -19.41 8.73
N GLU C 214 10.11 -20.37 9.62
CA GLU C 214 8.92 -21.20 9.57
C GLU C 214 7.67 -20.36 9.79
N TRP C 215 7.75 -19.43 10.73
CA TRP C 215 6.62 -18.55 10.99
C TRP C 215 6.36 -17.61 9.81
N ILE C 216 7.43 -17.13 9.19
CA ILE C 216 7.36 -16.33 7.97
C ILE C 216 6.60 -17.11 6.87
N ASP C 217 6.94 -18.38 6.69
CA ASP C 217 6.25 -19.21 5.70
C ASP C 217 4.77 -19.39 5.99
N VAL C 218 4.43 -19.57 7.28
CA VAL C 218 3.03 -19.61 7.71
C VAL C 218 2.32 -18.31 7.35
N ILE C 219 2.94 -17.17 7.67
CA ILE C 219 2.33 -15.88 7.35
C ILE C 219 2.11 -15.75 5.85
N HIS C 220 3.09 -16.14 5.05
CA HIS C 220 2.93 -16.15 3.59
C HIS C 220 1.66 -16.83 3.15
N LYS C 221 1.28 -17.90 3.85
CA LYS C 221 0.16 -18.72 3.43
C LYS C 221 -1.20 -18.17 3.83
N HIS C 222 -1.22 -17.10 4.61
CA HIS C 222 -2.49 -16.55 5.07
C HIS C 222 -2.79 -15.20 4.44
N ASP C 223 -4.08 -14.88 4.47
CA ASP C 223 -4.66 -13.65 3.94
C ASP C 223 -4.80 -12.61 5.04
N LEU C 224 -3.92 -11.63 5.07
CA LEU C 224 -3.96 -10.59 6.08
C LEU C 224 -4.56 -9.27 5.54
N SER C 225 -5.27 -9.36 4.42
CA SER C 225 -5.76 -8.18 3.73
C SER C 225 -6.76 -7.33 4.54
N GLU C 226 -7.43 -7.91 5.51
CA GLU C 226 -8.39 -7.12 6.30
C GLU C 226 -7.72 -6.22 7.36
N THR C 227 -6.40 -6.27 7.48
CA THR C 227 -5.71 -5.48 8.51
C THR C 227 -5.75 -3.99 8.24
N ASN C 228 -6.18 -3.22 9.24
CA ASN C 228 -6.35 -1.78 9.08
C ASN C 228 -5.39 -0.95 9.95
N VAL C 229 -4.33 -1.58 10.48
CA VAL C 229 -3.33 -0.85 11.25
C VAL C 229 -1.99 -0.93 10.55
N TYR C 230 -1.11 0.02 10.88
CA TYR C 230 0.27 -0.01 10.41
C TYR C 230 1.23 -0.58 11.47
N LEU C 231 2.14 -1.44 11.06
CA LEU C 231 3.19 -1.94 11.96
C LEU C 231 4.36 -0.96 12.08
N ILE C 232 4.76 -0.67 13.31
CA ILE C 232 5.96 0.09 13.56
C ILE C 232 6.90 -0.73 14.40
N GLY C 233 8.04 -1.08 13.83
CA GLY C 233 9.01 -1.91 14.54
C GLY C 233 10.33 -1.23 14.79
N SER C 234 11.04 -1.73 15.79
CA SER C 234 12.44 -1.41 15.96
C SER C 234 13.22 -2.71 15.93
N THR C 235 14.41 -2.66 15.36
CA THR C 235 15.27 -3.80 15.32
C THR C 235 16.69 -3.28 15.51
N PRO C 236 17.57 -4.03 16.15
CA PRO C 236 18.92 -3.54 16.45
C PRO C 236 19.71 -3.35 15.18
N GLY C 237 20.37 -2.20 15.08
CA GLY C 237 21.25 -1.98 13.94
C GLY C 237 21.69 -0.54 13.89
N ARG C 238 22.46 -0.24 12.84
CA ARG C 238 22.84 1.12 12.50
C ARG C 238 22.41 1.28 11.06
N PHE C 239 21.51 2.21 10.81
CA PHE C 239 20.81 2.28 9.54
C PHE C 239 21.15 3.55 8.75
N GLN C 240 21.37 3.39 7.45
CA GLN C 240 21.78 4.50 6.58
C GLN C 240 20.82 4.70 5.42
N GLY C 241 20.78 5.93 4.92
CA GLY C 241 19.97 6.26 3.75
C GLY C 241 18.55 5.76 3.81
N SER C 242 18.13 5.06 2.75
CA SER C 242 16.74 4.63 2.63
C SER C 242 16.32 3.70 3.77
N GLN C 243 17.29 3.01 4.36
CA GLN C 243 17.01 2.06 5.43
C GLN C 243 16.59 2.75 6.73
N LYS C 244 16.90 4.04 6.85
CA LYS C 244 16.52 4.82 8.03
C LYS C 244 15.01 4.85 8.24
N ASP C 245 14.26 4.86 7.15
CA ASP C 245 12.80 4.92 7.19
C ASP C 245 12.14 3.64 7.69
N ASN C 246 12.90 2.55 7.78
CA ASN C 246 12.32 1.23 8.05
C ASN C 246 11.95 0.98 9.52
N TRP C 247 12.60 1.68 10.44
CA TRP C 247 12.53 1.37 11.86
C TRP C 247 12.46 2.57 12.79
N GLY C 248 11.97 2.34 14.00
CA GLY C 248 12.03 3.33 15.07
C GLY C 248 11.25 4.59 14.76
N HIS C 249 11.71 5.71 15.27
CA HIS C 249 10.92 6.92 15.09
C HIS C 249 10.90 7.45 13.65
N PHE C 250 11.93 7.12 12.86
CA PHE C 250 11.89 7.45 11.42
C PHE C 250 10.82 6.66 10.67
N ARG C 251 10.61 5.41 11.06
CA ARG C 251 9.50 4.67 10.48
C ARG C 251 8.20 5.42 10.75
N LEU C 252 8.01 5.84 12.00
CA LEU C 252 6.81 6.60 12.36
C LEU C 252 6.69 7.88 11.52
N LYS C 253 7.76 8.65 11.44
CA LYS C 253 7.80 9.87 10.64
C LYS C 253 7.36 9.59 9.20
N LYS C 254 7.92 8.54 8.60
CA LYS C 254 7.57 8.15 7.25
C LYS C 254 6.09 7.87 7.06
N LEU C 255 5.49 7.12 7.99
CA LEU C 255 4.09 6.80 7.86
C LEU C 255 3.20 8.04 8.06
N LEU C 256 3.62 8.94 8.94
CA LEU C 256 2.84 10.14 9.23
C LEU C 256 2.90 11.14 8.06
N LYS C 257 4.02 11.18 7.37
CA LYS C 257 4.17 11.98 6.17
C LYS C 257 3.27 11.43 5.07
N ASP C 258 3.28 10.11 4.90
CA ASP C 258 2.60 9.49 3.77
C ASP C 258 1.10 9.32 3.93
N HIS C 259 0.62 9.14 5.16
CA HIS C 259 -0.76 8.67 5.36
C HIS C 259 -1.60 9.46 6.34
N ALA C 260 -1.07 10.58 6.79
CA ALA C 260 -1.84 11.54 7.55
C ALA C 260 -1.85 12.85 6.76
N SER C 261 -2.78 13.75 7.04
CA SER C 261 -2.68 15.08 6.43
C SER C 261 -2.67 16.15 7.51
N SER C 262 -2.02 17.28 7.21
CA SER C 262 -1.87 18.36 8.18
C SER C 262 -3.05 19.31 8.14
N MET C 263 -3.52 19.72 9.31
CA MET C 263 -4.70 20.58 9.43
C MET C 263 -4.37 22.05 9.73
N SER C 268 -0.10 23.53 16.93
CA SER C 268 -0.98 23.67 18.08
C SER C 268 -1.70 22.37 18.52
N TRP C 269 -1.64 21.32 17.70
CA TRP C 269 -2.08 19.99 18.13
C TRP C 269 -0.92 19.36 18.92
N PRO C 270 -1.11 19.14 20.21
CA PRO C 270 -0.03 18.60 21.05
C PRO C 270 0.34 17.17 20.71
N VAL C 271 1.48 16.72 21.25
CA VAL C 271 1.93 15.33 21.16
C VAL C 271 1.89 14.77 22.59
N VAL C 272 1.40 13.54 22.73
CA VAL C 272 1.40 12.88 24.03
C VAL C 272 2.22 11.60 23.96
N GLY C 273 3.10 11.40 24.95
CA GLY C 273 3.90 10.19 25.06
C GLY C 273 3.67 9.61 26.43
N GLN C 274 3.53 8.28 26.52
CA GLN C 274 3.14 7.64 27.78
C GLN C 274 3.86 6.28 27.82
N PHE C 275 4.55 5.97 28.93
CA PHE C 275 5.55 4.90 28.98
C PHE C 275 5.94 4.59 30.42
N SER C 276 6.79 3.57 30.59
CA SER C 276 7.07 3.05 31.92
C SER C 276 8.56 2.90 32.19
N SER C 277 9.37 3.22 31.19
CA SER C 277 10.82 3.16 31.31
C SER C 277 11.38 4.39 30.63
N VAL C 278 12.44 4.94 31.21
CA VAL C 278 13.04 6.18 30.72
C VAL C 278 14.54 6.05 30.57
N GLY C 279 15.01 6.19 29.33
CA GLY C 279 16.44 6.10 29.06
C GLY C 279 17.15 7.44 29.29
N SER C 280 18.45 7.45 29.01
CA SER C 280 19.25 8.66 29.18
C SER C 280 19.11 9.49 27.91
N LEU C 281 18.39 10.60 27.99
CA LEU C 281 18.02 11.33 26.78
C LEU C 281 18.99 12.47 26.40
N GLY C 282 19.91 12.81 27.29
CA GLY C 282 20.87 13.88 27.05
C GLY C 282 20.81 15.02 28.04
N ALA C 283 21.81 15.90 27.97
CA ALA C 283 22.00 17.00 28.93
C ALA C 283 20.92 18.06 28.86
N ASP C 284 20.17 18.07 27.76
CA ASP C 284 19.01 18.95 27.62
C ASP C 284 18.08 18.48 26.49
N GLU C 285 16.92 19.11 26.41
CA GLU C 285 15.86 18.73 25.47
C GLU C 285 16.27 18.78 23.99
N SER C 286 17.27 19.57 23.67
CA SER C 286 17.68 19.80 22.28
C SER C 286 18.59 18.70 21.73
N LYS C 287 19.07 17.83 22.59
CA LYS C 287 19.97 16.77 22.17
C LYS C 287 19.26 15.64 21.44
N TRP C 288 17.99 15.39 21.80
CA TRP C 288 17.24 14.27 21.22
C TRP C 288 15.72 14.42 21.32
N LEU C 289 15.23 14.70 22.52
CA LEU C 289 13.80 14.66 22.80
C LEU C 289 13.02 15.66 21.95
N CYS C 290 13.47 16.91 21.98
CA CYS C 290 12.79 17.95 21.21
C CYS C 290 13.30 18.08 19.79
N SER C 291 14.44 17.47 19.48
CA SER C 291 15.04 17.63 18.16
C SER C 291 14.65 16.55 17.17
N GLU C 292 15.07 15.30 17.39
CA GLU C 292 14.69 14.27 16.42
C GLU C 292 13.41 13.54 16.81
N PHE C 293 13.26 13.23 18.09
CA PHE C 293 12.10 12.50 18.57
C PHE C 293 10.80 13.26 18.33
N LYS C 294 10.68 14.45 18.91
CA LYS C 294 9.49 15.28 18.73
C LYS C 294 9.29 15.65 17.26
N GLU C 295 10.38 15.78 16.53
CA GLU C 295 10.30 16.14 15.13
C GLU C 295 9.57 15.06 14.36
N SER C 296 9.82 13.80 14.71
CA SER C 296 9.14 12.70 14.04
C SER C 296 7.67 12.67 14.44
N MET C 297 7.39 12.87 15.72
CA MET C 297 6.03 12.76 16.26
C MET C 297 5.06 13.83 15.77
N LEU C 298 5.57 15.01 15.44
CA LEU C 298 4.69 16.11 15.03
C LEU C 298 4.49 16.16 13.51
N THR C 299 5.15 15.25 12.81
CA THR C 299 5.00 15.15 11.36
C THR C 299 3.56 14.85 10.99
N LEU C 300 3.08 15.52 9.94
CA LEU C 300 1.74 15.32 9.39
C LEU C 300 1.77 15.65 7.90
N GLY C 301 1.40 14.69 7.05
CA GLY C 301 1.38 14.93 5.61
C GLY C 301 2.67 15.50 5.03
N VAL C 312 4.66 23.46 19.57
CA VAL C 312 3.94 22.21 19.79
C VAL C 312 4.23 21.69 21.20
N PRO C 313 3.19 21.68 22.04
CA PRO C 313 3.29 21.20 23.41
C PRO C 313 3.52 19.69 23.47
N LEU C 314 4.44 19.27 24.33
CA LEU C 314 4.74 17.86 24.50
C LEU C 314 4.31 17.46 25.91
N TYR C 315 3.35 16.55 26.01
CA TYR C 315 2.93 15.99 27.30
C TYR C 315 3.52 14.59 27.49
N LEU C 316 4.26 14.40 28.57
CA LEU C 316 4.77 13.08 28.91
C LEU C 316 4.08 12.58 30.17
N ILE C 317 3.58 11.35 30.11
CA ILE C 317 2.85 10.76 31.21
C ILE C 317 3.68 9.62 31.81
N TYR C 318 4.03 9.77 33.09
CA TYR C 318 4.86 8.82 33.81
C TYR C 318 4.51 8.91 35.30
N PRO C 319 4.22 7.77 35.94
CA PRO C 319 3.75 7.78 37.34
C PRO C 319 4.68 8.53 38.31
N SER C 320 4.07 9.39 39.11
CA SER C 320 4.74 10.00 40.24
C SER C 320 4.94 8.98 41.38
N VAL C 321 5.73 9.34 42.37
CA VAL C 321 5.90 8.50 43.55
C VAL C 321 4.56 8.29 44.23
N GLU C 322 3.79 9.36 44.33
CA GLU C 322 2.45 9.32 44.94
C GLU C 322 1.51 8.37 44.18
N ASN C 323 1.56 8.41 42.84
CA ASN C 323 0.74 7.49 42.05
C ASN C 323 1.09 6.05 42.42
N VAL C 324 2.37 5.77 42.56
CA VAL C 324 2.82 4.41 42.82
C VAL C 324 2.47 4.02 44.25
N ARG C 325 2.75 4.93 45.18
CA ARG C 325 2.56 4.66 46.60
C ARG C 325 1.13 4.23 46.89
N THR C 326 0.17 4.86 46.24
CA THR C 326 -1.24 4.56 46.51
C THR C 326 -1.92 3.68 45.47
N SER C 327 -1.14 2.93 44.70
CA SER C 327 -1.67 2.07 43.66
C SER C 327 -2.21 0.80 44.27
N LEU C 328 -2.80 -0.07 43.46
CA LEU C 328 -3.29 -1.36 43.94
C LEU C 328 -2.14 -2.24 44.43
N GLU C 329 -0.98 -2.12 43.79
CA GLU C 329 0.17 -2.93 44.19
C GLU C 329 1.01 -2.28 45.30
N GLY C 330 0.88 -0.97 45.46
CA GLY C 330 1.77 -0.21 46.32
C GLY C 330 3.14 -0.04 45.67
N TYR C 331 4.16 0.19 46.50
CA TYR C 331 5.52 0.41 45.99
C TYR C 331 6.07 -0.65 44.99
N PRO C 332 5.79 -1.94 45.20
CA PRO C 332 6.27 -2.98 44.28
C PRO C 332 5.80 -2.78 42.84
N ALA C 333 4.83 -1.92 42.58
CA ALA C 333 4.50 -1.55 41.20
C ALA C 333 5.73 -0.90 40.55
N GLY C 334 6.54 -0.24 41.39
CA GLY C 334 7.71 0.47 40.92
C GLY C 334 8.81 -0.44 40.40
N GLY C 335 8.71 -1.74 40.69
CA GLY C 335 9.62 -2.72 40.13
C GLY C 335 9.52 -2.79 38.61
N SER C 336 8.37 -2.40 38.07
CA SER C 336 8.12 -2.38 36.64
C SER C 336 8.20 -0.96 36.03
N LEU C 337 8.69 -0.03 36.85
CA LEU C 337 8.97 1.33 36.44
C LEU C 337 10.45 1.64 36.73
N PRO C 338 11.35 1.06 35.94
CA PRO C 338 12.78 1.03 36.28
C PRO C 338 13.59 2.31 35.95
N TYR C 339 13.07 3.47 36.30
CA TYR C 339 13.78 4.72 36.12
C TYR C 339 14.79 4.83 37.25
N SER C 340 16.07 4.81 36.93
CA SER C 340 17.09 4.81 37.97
C SER C 340 17.56 6.21 38.30
N ILE C 341 17.97 6.42 39.55
CA ILE C 341 18.52 7.71 39.97
C ILE C 341 19.75 8.12 39.13
N GLN C 342 20.54 7.14 38.71
CA GLN C 342 21.71 7.43 37.85
C GLN C 342 21.28 8.12 36.54
N THR C 343 20.17 7.68 35.97
CA THR C 343 19.62 8.30 34.76
C THR C 343 18.95 9.63 35.08
N ALA C 344 18.04 9.61 36.05
CA ALA C 344 17.26 10.78 36.41
C ALA C 344 18.10 12.01 36.78
N GLU C 345 19.21 11.79 37.49
CA GLU C 345 20.01 12.90 37.98
C GLU C 345 20.79 13.60 36.86
N LYS C 346 20.88 12.94 35.70
CA LYS C 346 21.55 13.50 34.54
C LYS C 346 20.65 14.45 33.75
N GLN C 347 19.35 14.40 34.03
CA GLN C 347 18.37 15.03 33.15
C GLN C 347 17.16 15.56 33.91
N ASN C 348 17.43 16.31 34.97
CA ASN C 348 16.37 16.91 35.75
C ASN C 348 15.46 17.79 34.90
N TRP C 349 15.96 18.26 33.76
CA TRP C 349 15.16 19.13 32.88
C TRP C 349 13.93 18.39 32.35
N LEU C 350 14.05 17.07 32.19
CA LEU C 350 12.98 16.26 31.60
C LEU C 350 11.72 16.31 32.45
N HIS C 351 11.88 16.38 33.77
CA HIS C 351 10.75 16.20 34.67
C HIS C 351 9.71 17.32 34.65
N SER C 352 10.06 18.44 34.04
CA SER C 352 9.07 19.50 33.88
C SER C 352 8.05 19.16 32.79
N TYR C 353 8.32 18.10 32.02
CA TYR C 353 7.33 17.61 31.04
C TYR C 353 6.40 16.54 31.61
N PHE C 354 6.70 16.06 32.80
CA PHE C 354 5.97 14.92 33.34
C PHE C 354 4.55 15.24 33.86
N HIS C 355 3.61 14.34 33.56
CA HIS C 355 2.24 14.45 34.01
C HIS C 355 1.86 13.14 34.72
N LYS C 356 0.99 13.23 35.73
CA LYS C 356 0.57 12.09 36.54
C LYS C 356 -0.20 11.06 35.73
N TRP C 357 -0.15 9.82 36.21
CA TRP C 357 -1.01 8.78 35.69
C TRP C 357 -2.39 8.98 36.30
N SER C 358 -3.39 9.05 35.44
CA SER C 358 -4.76 9.25 35.83
C SER C 358 -5.61 8.58 34.76
N ALA C 359 -6.47 7.66 35.18
CA ALA C 359 -7.29 6.88 34.25
C ALA C 359 -8.67 6.58 34.83
N GLU C 360 -9.32 7.60 35.37
CA GLU C 360 -10.69 7.46 35.83
C GLU C 360 -11.60 6.98 34.70
N THR C 361 -11.30 7.38 33.47
CA THR C 361 -12.08 6.92 32.32
C THR C 361 -12.14 5.39 32.24
N SER C 362 -11.08 4.71 32.65
CA SER C 362 -11.08 3.26 32.55
C SER C 362 -11.10 2.55 33.91
N GLY C 363 -11.28 3.32 34.99
CA GLY C 363 -11.28 2.75 36.35
C GLY C 363 -9.90 2.28 36.82
N ARG C 364 -8.85 2.87 36.23
CA ARG C 364 -7.49 2.32 36.37
C ARG C 364 -6.47 3.32 36.90
N SER C 365 -6.92 4.36 37.59
CA SER C 365 -5.95 5.32 38.13
C SER C 365 -5.02 4.62 39.13
N ASN C 366 -5.51 3.54 39.74
CA ASN C 366 -4.73 2.79 40.72
C ASN C 366 -4.04 1.54 40.14
N ALA C 367 -4.22 1.30 38.83
CA ALA C 367 -3.51 0.23 38.13
C ALA C 367 -2.32 0.82 37.37
N MET C 368 -1.11 0.65 37.88
CA MET C 368 0.02 1.38 37.29
C MET C 368 0.23 0.98 35.81
N PRO C 369 0.59 1.95 34.98
CA PRO C 369 0.77 1.68 33.55
C PRO C 369 2.01 0.89 33.20
N HIS C 370 1.83 -0.18 32.45
CA HIS C 370 2.95 -0.81 31.76
C HIS C 370 2.70 -0.74 30.26
N ILE C 371 1.53 -0.25 29.88
CA ILE C 371 1.25 0.08 28.48
C ILE C 371 2.17 1.25 28.07
N LYS C 372 2.45 1.38 26.77
CA LYS C 372 3.11 2.57 26.23
C LYS C 372 2.25 3.02 25.06
N THR C 373 1.90 4.30 25.03
CA THR C 373 1.08 4.80 23.95
C THR C 373 1.63 6.17 23.56
N TYR C 374 1.40 6.55 22.30
CA TYR C 374 1.81 7.86 21.78
C TYR C 374 0.66 8.33 20.92
N MET C 375 0.40 9.64 20.92
CA MET C 375 -0.76 10.13 20.18
C MET C 375 -0.75 11.64 19.95
N ARG C 376 -1.67 12.09 19.09
CA ARG C 376 -1.67 13.47 18.63
C ARG C 376 -3.07 14.03 18.74
N PRO C 377 -3.44 14.47 19.93
CA PRO C 377 -4.78 14.99 20.13
C PRO C 377 -4.90 16.42 19.62
N SER C 378 -6.13 16.84 19.35
CA SER C 378 -6.41 18.23 19.02
C SER C 378 -6.24 19.12 20.25
N PRO C 379 -6.17 20.43 20.05
CA PRO C 379 -5.96 21.39 21.14
C PRO C 379 -6.91 21.23 22.33
N ASP C 380 -8.13 20.79 22.09
CA ASP C 380 -9.08 20.56 23.19
C ASP C 380 -9.21 19.09 23.59
N PHE C 381 -8.33 18.24 23.06
CA PHE C 381 -8.28 16.80 23.39
C PHE C 381 -9.54 16.00 23.07
N SER C 382 -10.44 16.57 22.28
CA SER C 382 -11.67 15.87 21.90
C SER C 382 -11.48 14.95 20.69
N LYS C 383 -10.40 15.13 19.96
CA LYS C 383 -10.11 14.18 18.89
C LYS C 383 -8.62 13.94 18.76
N ILE C 384 -8.25 12.92 17.97
CA ILE C 384 -6.84 12.63 17.71
C ILE C 384 -6.57 12.38 16.23
N ALA C 385 -5.38 12.78 15.77
CA ALA C 385 -4.95 12.56 14.40
C ALA C 385 -4.43 11.14 14.22
N TRP C 386 -3.95 10.54 15.31
CA TRP C 386 -3.48 9.14 15.28
C TRP C 386 -3.23 8.60 16.68
N PHE C 387 -3.14 7.27 16.79
CA PHE C 387 -2.84 6.65 18.08
C PHE C 387 -1.90 5.48 17.85
N LEU C 388 -0.91 5.34 18.73
CA LEU C 388 0.07 4.25 18.68
C LEU C 388 0.10 3.51 20.02
N VAL C 389 -0.05 2.20 19.99
CA VAL C 389 0.26 1.37 21.15
C VAL C 389 1.46 0.52 20.78
N THR C 390 2.43 0.42 21.68
CA THR C 390 3.68 -0.25 21.35
C THR C 390 4.40 -0.73 22.59
N SER C 391 5.44 -1.52 22.38
CA SER C 391 6.32 -1.90 23.45
C SER C 391 7.38 -0.81 23.77
N ALA C 392 7.54 0.15 22.86
CA ALA C 392 8.66 1.12 22.93
C ALA C 392 8.45 2.18 24.00
N ASN C 393 9.37 2.21 24.96
CA ASN C 393 9.37 3.18 26.06
C ASN C 393 10.11 4.44 25.61
N LEU C 394 10.31 5.37 26.53
CA LEU C 394 10.98 6.62 26.15
C LEU C 394 12.50 6.49 26.27
N SER C 395 13.11 5.88 25.27
CA SER C 395 14.58 5.75 25.24
C SER C 395 15.10 5.83 23.81
N LYS C 396 16.35 6.23 23.66
CA LYS C 396 17.00 6.13 22.36
C LYS C 396 17.17 4.67 21.99
N ALA C 397 17.41 3.83 22.99
CA ALA C 397 17.52 2.39 22.79
C ALA C 397 16.35 1.83 21.96
N ALA C 398 15.15 2.29 22.27
CA ALA C 398 13.93 1.77 21.67
C ALA C 398 13.58 2.49 20.35
N TRP C 399 13.83 3.79 20.31
CA TRP C 399 13.29 4.63 19.24
C TRP C 399 14.31 4.96 18.13
N GLY C 400 15.59 4.95 18.48
CA GLY C 400 16.64 5.28 17.54
C GLY C 400 17.23 6.64 17.84
N ALA C 401 18.53 6.77 17.59
CA ALA C 401 19.21 8.05 17.72
C ALA C 401 20.10 8.25 16.50
N LEU C 402 20.24 9.49 16.04
CA LEU C 402 21.07 9.78 14.88
C LEU C 402 22.56 9.84 15.24
N GLU C 403 23.38 9.17 14.44
CA GLU C 403 24.83 9.11 14.63
C GLU C 403 25.53 9.64 13.39
N LYS C 404 26.87 9.75 13.44
CA LYS C 404 27.68 10.18 12.29
C LYS C 404 27.07 11.36 11.56
N ASN C 405 27.01 12.50 12.24
CA ASN C 405 26.39 13.71 11.68
C ASN C 405 25.04 13.50 11.00
N GLY C 406 24.22 12.60 11.55
CA GLY C 406 22.84 12.46 11.12
C GLY C 406 22.58 11.62 9.88
N THR C 407 23.54 10.81 9.47
CA THR C 407 23.36 9.96 8.30
C THR C 407 23.11 8.52 8.70
N GLN C 408 23.08 8.28 10.01
CA GLN C 408 22.95 6.92 10.54
C GLN C 408 22.02 6.87 11.75
N LEU C 409 21.00 6.00 11.69
CA LEU C 409 20.10 5.77 12.81
C LEU C 409 20.51 4.53 13.60
N MET C 410 20.81 4.72 14.88
CA MET C 410 21.23 3.61 15.74
C MET C 410 20.10 3.19 16.69
N ILE C 411 19.68 1.94 16.57
CA ILE C 411 18.67 1.36 17.44
C ILE C 411 19.25 0.16 18.15
N ARG C 412 19.01 0.07 19.45
CA ARG C 412 19.59 -0.99 20.26
C ARG C 412 18.72 -2.24 20.41
N SER C 413 17.39 -2.09 20.31
CA SER C 413 16.46 -3.13 20.79
C SER C 413 15.41 -3.56 19.76
N TYR C 414 14.76 -4.69 20.00
CA TYR C 414 13.53 -5.05 19.29
C TYR C 414 12.35 -4.43 20.01
N GLU C 415 11.50 -3.73 19.27
CA GLU C 415 10.24 -3.16 19.79
C GLU C 415 9.20 -3.34 18.71
N LEU C 416 7.91 -3.28 19.08
CA LEU C 416 6.86 -3.47 18.06
C LEU C 416 5.57 -2.82 18.51
N GLY C 417 4.92 -2.09 17.61
CA GLY C 417 3.63 -1.49 17.92
C GLY C 417 2.73 -1.37 16.70
N VAL C 418 1.47 -1.02 16.93
CA VAL C 418 0.54 -0.79 15.83
C VAL C 418 0.03 0.66 15.84
N LEU C 419 0.03 1.26 14.66
CA LEU C 419 -0.37 2.64 14.52
C LEU C 419 -1.78 2.70 13.93
N PHE C 420 -2.67 3.42 14.60
CA PHE C 420 -4.01 3.63 14.12
C PHE C 420 -4.10 4.97 13.41
N LEU C 421 -4.34 4.93 12.10
CA LEU C 421 -4.49 6.15 11.30
C LEU C 421 -5.90 6.23 10.77
N PRO C 422 -6.53 7.38 10.94
CA PRO C 422 -7.89 7.60 10.42
C PRO C 422 -8.01 7.32 8.92
N SER C 423 -6.96 7.59 8.15
CA SER C 423 -6.99 7.34 6.70
C SER C 423 -7.25 5.88 6.38
N ALA C 424 -6.81 4.98 7.25
CA ALA C 424 -6.99 3.55 7.01
C ALA C 424 -8.44 3.13 7.15
N LEU C 425 -9.24 3.98 7.80
CA LEU C 425 -10.68 3.73 7.99
C LEU C 425 -11.51 4.65 7.11
N GLY C 426 -10.84 5.50 6.34
CA GLY C 426 -11.52 6.45 5.48
C GLY C 426 -11.91 7.72 6.20
N LEU C 427 -11.14 8.11 7.22
CA LEU C 427 -11.43 9.30 8.03
C LEU C 427 -10.28 10.28 8.07
N ASP C 428 -10.55 11.48 8.60
CA ASP C 428 -9.51 12.49 8.80
C ASP C 428 -8.98 12.47 10.23
N SER C 429 -9.81 11.99 11.15
CA SER C 429 -9.47 12.02 12.57
C SER C 429 -10.39 11.08 13.34
N PHE C 430 -10.01 10.77 14.58
CA PHE C 430 -10.87 9.97 15.44
C PHE C 430 -11.39 10.86 16.57
N LYS C 431 -12.66 10.72 16.89
CA LYS C 431 -13.18 11.35 18.09
C LYS C 431 -12.73 10.50 19.27
N VAL C 432 -12.38 11.15 20.37
CA VAL C 432 -11.97 10.42 21.56
C VAL C 432 -13.18 9.90 22.33
N LYS C 433 -13.18 8.61 22.64
CA LYS C 433 -14.20 8.05 23.51
C LYS C 433 -13.91 8.53 24.94
N GLN C 434 -14.76 9.41 25.46
CA GLN C 434 -14.49 10.08 26.72
C GLN C 434 -14.66 9.17 27.93
N LYS C 435 -15.37 8.05 27.73
CA LYS C 435 -15.59 7.09 28.80
C LYS C 435 -15.32 5.67 28.29
N PHE C 436 -14.10 5.19 28.50
CA PHE C 436 -13.68 3.85 28.09
C PHE C 436 -14.78 2.82 28.38
N THR C 446 -14.96 6.20 17.12
CA THR C 446 -14.35 6.94 18.23
C THR C 446 -13.36 6.07 19.00
N PHE C 447 -12.17 6.61 19.21
CA PHE C 447 -11.09 5.80 19.75
C PHE C 447 -11.07 5.73 21.27
N PRO C 448 -10.95 4.52 21.82
CA PRO C 448 -10.93 4.34 23.28
C PRO C 448 -9.59 4.66 23.93
N VAL C 449 -9.28 5.94 24.09
CA VAL C 449 -8.11 6.37 24.86
C VAL C 449 -8.22 5.92 26.32
N PRO C 450 -7.24 5.17 26.79
CA PRO C 450 -7.39 4.45 28.06
C PRO C 450 -7.13 5.25 29.34
N TYR C 451 -6.61 6.46 29.23
CA TYR C 451 -6.39 7.30 30.40
C TYR C 451 -6.99 8.68 30.16
N ASP C 452 -6.96 9.49 31.21
CA ASP C 452 -7.72 10.73 31.24
C ASP C 452 -7.05 11.84 30.44
N LEU C 453 -7.85 12.71 29.85
CA LEU C 453 -7.35 13.91 29.19
C LEU C 453 -8.10 15.15 29.70
N PRO C 454 -7.45 16.31 29.69
CA PRO C 454 -6.04 16.43 29.32
C PRO C 454 -5.18 15.87 30.45
N PRO C 455 -3.93 15.54 30.19
CA PRO C 455 -3.04 15.03 31.23
C PRO C 455 -2.78 16.13 32.28
N GLU C 456 -2.62 15.72 33.53
CA GLU C 456 -2.43 16.66 34.63
C GLU C 456 -0.97 16.77 35.03
N LEU C 457 -0.45 17.99 35.05
CA LEU C 457 0.93 18.26 35.42
C LEU C 457 1.28 17.75 36.82
N TYR C 458 2.54 17.38 37.02
CA TYR C 458 3.01 17.09 38.38
C TYR C 458 2.79 18.33 39.27
N GLY C 459 2.29 18.10 40.48
CA GLY C 459 2.21 19.16 41.48
C GLY C 459 3.61 19.52 41.95
N SER C 460 3.73 20.57 42.74
CA SER C 460 5.06 21.04 43.15
C SER C 460 5.77 20.06 44.10
N LYS C 461 5.00 19.28 44.85
CA LYS C 461 5.61 18.30 45.75
C LYS C 461 5.79 16.88 45.13
N ASP C 462 5.49 16.76 43.84
CA ASP C 462 5.57 15.47 43.14
C ASP C 462 6.98 15.18 42.61
N ARG C 463 7.35 13.91 42.59
CA ARG C 463 8.59 13.43 42.01
C ARG C 463 8.26 12.26 41.08
N PRO C 464 9.03 12.09 40.02
CA PRO C 464 8.87 10.90 39.17
C PRO C 464 9.24 9.66 40.00
N TRP C 465 8.50 8.58 39.82
CA TRP C 465 8.88 7.33 40.47
C TRP C 465 10.31 6.98 40.03
N ILE C 466 11.21 6.80 41.01
CA ILE C 466 12.57 6.36 40.74
C ILE C 466 12.81 5.08 41.52
N TRP C 467 13.06 3.97 40.82
CA TRP C 467 13.03 2.66 41.43
C TRP C 467 14.09 2.35 42.49
N ASN C 468 15.27 2.93 42.39
CA ASN C 468 16.37 2.48 43.25
C ASN C 468 16.79 3.42 44.35
N ILE C 469 15.86 4.25 44.82
CA ILE C 469 16.05 5.02 46.05
C ILE C 469 14.94 4.65 47.03
N PRO C 470 15.17 4.85 48.32
CA PRO C 470 14.17 4.48 49.34
C PRO C 470 12.99 5.44 49.50
N TYR C 471 11.84 4.90 49.87
CA TYR C 471 10.68 5.68 50.25
C TYR C 471 10.24 5.16 51.59
N VAL C 472 10.54 5.92 52.64
CA VAL C 472 10.34 5.45 54.01
C VAL C 472 9.58 6.45 54.88
N LYS C 473 9.11 7.55 54.29
CA LYS C 473 8.40 8.56 55.07
C LYS C 473 6.90 8.25 55.19
N ALA C 474 6.36 7.54 54.20
CA ALA C 474 4.95 7.18 54.20
C ALA C 474 4.78 5.79 53.63
N PRO C 475 3.93 4.99 54.26
CA PRO C 475 3.68 3.63 53.83
C PRO C 475 2.78 3.63 52.61
N ASP C 476 2.82 2.52 51.87
CA ASP C 476 2.01 2.40 50.66
C ASP C 476 0.69 1.79 51.03
N THR C 477 -0.04 1.40 50.00
CA THR C 477 -1.34 0.76 50.12
C THR C 477 -1.35 -0.41 51.09
N HIS C 478 -0.24 -1.12 51.15
CA HIS C 478 -0.21 -2.34 51.93
C HIS C 478 0.52 -2.16 53.27
N GLY C 479 0.77 -0.90 53.63
CA GLY C 479 1.43 -0.57 54.88
C GLY C 479 2.93 -0.85 54.89
N ASN C 480 3.53 -0.92 53.69
CA ASN C 480 4.95 -1.23 53.54
C ASN C 480 5.75 0.00 53.13
N MET C 481 7.07 -0.06 53.36
CA MET C 481 7.99 0.95 52.84
C MET C 481 8.72 0.34 51.65
N TRP C 482 9.60 1.10 51.02
CA TRP C 482 10.35 0.63 49.86
C TRP C 482 11.82 0.94 50.11
N VAL C 483 12.63 -0.11 50.27
CA VAL C 483 14.07 0.07 50.47
C VAL C 483 14.79 -0.93 49.57
N PRO C 484 15.13 -0.47 48.36
CA PRO C 484 15.75 -1.33 47.35
C PRO C 484 17.21 -1.53 47.68
N SER C 485 17.62 -2.79 47.78
CA SER C 485 18.99 -3.15 48.13
C SER C 485 19.05 -4.61 48.53
N ASN D 39 -9.71 -16.42 -13.11
CA ASN D 39 -8.62 -15.71 -13.86
C ASN D 39 -8.22 -14.43 -13.13
N PRO D 40 -6.95 -14.35 -12.72
CA PRO D 40 -6.50 -13.25 -11.87
C PRO D 40 -6.28 -11.99 -12.68
N PHE D 41 -6.09 -12.13 -13.99
CA PHE D 41 -5.67 -10.98 -14.76
C PHE D 41 -6.80 -10.12 -15.28
N GLN D 42 -7.89 -10.77 -15.72
CA GLN D 42 -9.02 -10.05 -16.29
C GLN D 42 -8.58 -9.10 -17.42
N PHE D 43 -7.61 -9.57 -18.20
CA PHE D 43 -7.16 -8.88 -19.42
C PHE D 43 -7.83 -9.55 -20.63
N TYR D 44 -8.52 -8.77 -21.46
CA TYR D 44 -9.18 -9.36 -22.63
C TYR D 44 -8.80 -8.59 -23.90
N LEU D 45 -8.99 -9.23 -25.05
CA LEU D 45 -8.88 -8.53 -26.33
C LEU D 45 -10.29 -8.27 -26.80
N THR D 46 -10.45 -7.30 -27.70
CA THR D 46 -11.78 -7.06 -28.28
C THR D 46 -12.03 -8.09 -29.36
N ARG D 47 -13.31 -8.28 -29.67
CA ARG D 47 -13.76 -9.17 -30.72
C ARG D 47 -13.28 -8.64 -32.07
N VAL D 48 -12.86 -9.55 -32.95
CA VAL D 48 -12.38 -9.16 -34.28
C VAL D 48 -13.25 -9.85 -35.31
N SER D 49 -13.88 -9.04 -36.15
CA SER D 49 -14.80 -9.57 -37.13
C SER D 49 -14.06 -10.28 -38.26
N GLY D 50 -14.32 -11.56 -38.42
CA GLY D 50 -13.81 -12.28 -39.56
C GLY D 50 -12.85 -13.39 -39.22
N VAL D 51 -12.23 -13.31 -38.03
CA VAL D 51 -11.41 -14.41 -37.55
C VAL D 51 -12.29 -15.60 -37.14
N LYS D 52 -11.68 -16.78 -37.11
CA LYS D 52 -12.36 -18.01 -36.70
C LYS D 52 -12.87 -17.86 -35.28
N PRO D 53 -14.04 -18.44 -35.04
CA PRO D 53 -14.70 -18.38 -33.73
C PRO D 53 -13.76 -18.64 -32.56
N LYS D 54 -12.82 -19.58 -32.72
CA LYS D 54 -11.94 -19.93 -31.61
C LYS D 54 -11.11 -18.74 -31.12
N TYR D 55 -10.87 -17.79 -32.01
CA TYR D 55 -10.09 -16.60 -31.68
C TYR D 55 -10.95 -15.47 -31.11
N ASN D 56 -12.27 -15.70 -31.08
CA ASN D 56 -13.19 -14.75 -30.47
C ASN D 56 -13.89 -15.29 -29.20
N SER D 57 -13.69 -16.57 -28.90
CA SER D 57 -14.39 -17.20 -27.78
C SER D 57 -14.21 -16.47 -26.43
N GLY D 58 -12.98 -16.16 -26.06
CA GLY D 58 -12.80 -15.36 -24.87
C GLY D 58 -12.60 -13.86 -25.08
N ALA D 59 -13.05 -13.33 -26.21
CA ALA D 59 -12.86 -11.91 -26.52
C ALA D 59 -14.13 -11.13 -26.22
N LEU D 60 -14.04 -9.80 -26.11
CA LEU D 60 -15.20 -8.98 -25.79
C LEU D 60 -15.44 -7.85 -26.76
N HIS D 61 -16.68 -7.75 -27.24
CA HIS D 61 -17.19 -6.54 -27.87
C HIS D 61 -17.78 -5.60 -26.81
N ILE D 62 -17.84 -4.30 -27.13
CA ILE D 62 -18.47 -3.33 -26.24
C ILE D 62 -19.91 -3.71 -25.87
N LYS D 63 -20.64 -4.34 -26.80
CA LYS D 63 -21.98 -4.82 -26.50
C LYS D 63 -21.98 -5.87 -25.38
N ASP D 64 -20.95 -6.72 -25.34
CA ASP D 64 -20.83 -7.71 -24.25
C ASP D 64 -20.57 -7.01 -22.92
N ILE D 65 -19.74 -5.98 -22.96
CA ILE D 65 -19.30 -5.32 -21.71
C ILE D 65 -20.47 -4.60 -21.07
N LEU D 66 -21.35 -4.06 -21.91
CA LEU D 66 -22.48 -3.26 -21.44
C LEU D 66 -23.73 -4.09 -21.18
N SER D 67 -23.62 -5.40 -21.36
CA SER D 67 -24.80 -6.26 -21.29
C SER D 67 -25.34 -6.40 -19.86
N PRO D 68 -26.65 -6.59 -19.71
CA PRO D 68 -27.26 -6.75 -18.38
C PRO D 68 -26.58 -7.86 -17.56
N LEU D 69 -25.91 -8.78 -18.24
CA LEU D 69 -25.24 -9.87 -17.54
C LEU D 69 -24.08 -9.34 -16.68
N PHE D 70 -23.55 -8.19 -17.06
CA PHE D 70 -22.42 -7.58 -16.37
C PHE D 70 -22.87 -6.72 -15.19
N GLY D 71 -24.13 -6.29 -15.23
CA GLY D 71 -24.72 -5.58 -14.09
C GLY D 71 -25.90 -4.78 -14.57
N THR D 72 -26.75 -4.37 -13.62
CA THR D 72 -27.90 -3.51 -13.93
C THR D 72 -27.51 -2.04 -13.91
N LEU D 73 -27.34 -1.49 -15.10
CA LEU D 73 -26.87 -0.14 -15.27
C LEU D 73 -27.78 0.93 -14.67
N VAL D 74 -27.17 1.81 -13.89
CA VAL D 74 -27.86 2.97 -13.35
C VAL D 74 -27.32 4.25 -14.01
N SER D 75 -26.03 4.28 -14.29
CA SER D 75 -25.38 5.48 -14.82
C SER D 75 -24.02 5.05 -15.33
N SER D 76 -23.47 5.80 -16.29
CA SER D 76 -22.16 5.47 -16.80
C SER D 76 -21.39 6.70 -17.20
N ALA D 77 -20.07 6.62 -17.12
CA ALA D 77 -19.20 7.66 -17.66
C ALA D 77 -18.26 7.04 -18.68
N GLN D 78 -18.17 7.68 -19.85
CA GLN D 78 -17.34 7.17 -20.93
C GLN D 78 -16.24 8.18 -21.18
N PHE D 79 -15.01 7.82 -20.77
CA PHE D 79 -13.83 8.65 -20.97
C PHE D 79 -13.20 8.22 -22.27
N ASN D 80 -13.00 9.14 -23.19
CA ASN D 80 -12.33 8.73 -24.41
C ASN D 80 -11.83 9.91 -25.20
N TYR D 81 -11.25 9.61 -26.36
CA TYR D 81 -10.70 10.62 -27.24
C TYR D 81 -11.69 10.90 -28.38
N CYS D 82 -12.02 9.85 -29.13
CA CYS D 82 -12.98 9.96 -30.25
C CYS D 82 -14.28 9.26 -29.97
N PHE D 83 -15.38 9.93 -30.35
CA PHE D 83 -16.73 9.40 -30.14
C PHE D 83 -17.58 9.50 -31.41
N ASP D 84 -18.36 8.46 -31.66
CA ASP D 84 -19.48 8.48 -32.59
C ASP D 84 -20.67 8.21 -31.69
N VAL D 85 -21.42 9.27 -31.37
CA VAL D 85 -22.47 9.15 -30.35
C VAL D 85 -23.63 8.27 -30.75
N ASP D 86 -24.05 8.37 -32.02
CA ASP D 86 -25.14 7.51 -32.52
C ASP D 86 -24.81 6.02 -32.38
N TRP D 87 -23.58 5.66 -32.76
CA TRP D 87 -23.11 4.28 -32.63
C TRP D 87 -23.00 3.88 -31.15
N LEU D 88 -22.49 4.76 -30.33
CA LEU D 88 -22.21 4.43 -28.93
C LEU D 88 -23.51 4.04 -28.22
N VAL D 89 -24.52 4.90 -28.36
CA VAL D 89 -25.82 4.61 -27.73
C VAL D 89 -26.36 3.25 -28.12
N LYS D 90 -26.22 2.88 -29.39
CA LYS D 90 -26.68 1.59 -29.87
C LYS D 90 -25.89 0.41 -29.30
N GLN D 91 -24.72 0.67 -28.71
CA GLN D 91 -23.98 -0.41 -28.05
C GLN D 91 -24.56 -0.74 -26.65
N TYR D 92 -25.34 0.17 -26.06
CA TYR D 92 -25.99 -0.10 -24.78
C TYR D 92 -27.21 -0.96 -25.07
N PRO D 93 -27.55 -1.90 -24.21
CA PRO D 93 -28.76 -2.70 -24.45
C PRO D 93 -29.99 -1.78 -24.44
N PRO D 94 -31.02 -2.08 -25.23
CA PRO D 94 -32.21 -1.21 -25.34
C PRO D 94 -32.77 -0.76 -24.00
N GLU D 95 -32.82 -1.67 -23.03
CA GLU D 95 -33.34 -1.34 -21.71
C GLU D 95 -32.47 -0.33 -20.93
N PHE D 96 -31.22 -0.13 -21.34
CA PHE D 96 -30.32 0.81 -20.64
C PHE D 96 -30.04 2.11 -21.39
N ARG D 97 -30.65 2.25 -22.56
CA ARG D 97 -30.33 3.35 -23.47
C ARG D 97 -30.77 4.75 -23.01
N LYS D 98 -31.56 4.83 -21.96
CA LYS D 98 -31.94 6.15 -21.43
C LYS D 98 -31.34 6.46 -20.06
N LYS D 99 -30.49 5.57 -19.54
CA LYS D 99 -29.75 5.86 -18.33
C LYS D 99 -28.74 6.97 -18.65
N PRO D 100 -28.43 7.81 -17.67
CA PRO D 100 -27.52 8.94 -17.92
C PRO D 100 -26.16 8.40 -18.37
N ILE D 101 -25.62 9.04 -19.39
CA ILE D 101 -24.25 8.79 -19.82
C ILE D 101 -23.52 10.10 -19.73
N LEU D 102 -22.32 10.07 -19.17
CA LEU D 102 -21.46 11.23 -19.23
C LEU D 102 -20.29 10.95 -20.19
N LEU D 103 -20.09 11.85 -21.16
CA LEU D 103 -18.97 11.72 -22.09
C LEU D 103 -17.85 12.68 -21.65
N VAL D 104 -16.70 12.12 -21.32
CA VAL D 104 -15.54 12.88 -20.88
C VAL D 104 -14.53 12.96 -22.02
N HIS D 105 -14.37 14.17 -22.57
CA HIS D 105 -13.63 14.34 -23.82
C HIS D 105 -12.66 15.52 -23.68
N GLY D 106 -11.85 15.78 -24.70
CA GLY D 106 -10.97 16.93 -24.63
C GLY D 106 -11.19 17.94 -25.75
N ASP D 107 -12.27 17.79 -26.50
CA ASP D 107 -12.49 18.58 -27.71
C ASP D 107 -12.69 20.06 -27.42
N LYS D 108 -12.18 20.92 -28.31
CA LYS D 108 -12.33 22.36 -28.21
C LYS D 108 -12.90 22.95 -29.50
N ARG D 109 -13.48 24.15 -29.38
CA ARG D 109 -13.80 24.95 -30.56
C ARG D 109 -14.78 24.24 -31.48
N GLU D 110 -14.44 24.11 -32.75
CA GLU D 110 -15.36 23.48 -33.70
C GLU D 110 -15.58 22.00 -33.44
N ALA D 111 -14.53 21.31 -33.03
CA ALA D 111 -14.64 19.90 -32.72
C ALA D 111 -15.62 19.69 -31.55
N LYS D 112 -15.52 20.56 -30.53
CA LYS D 112 -16.44 20.49 -29.39
C LYS D 112 -17.91 20.68 -29.80
N ALA D 113 -18.14 21.68 -30.64
CA ALA D 113 -19.48 21.97 -31.14
C ALA D 113 -20.02 20.77 -31.89
N HIS D 114 -19.15 20.11 -32.66
CA HIS D 114 -19.58 18.90 -33.38
C HIS D 114 -20.00 17.80 -32.40
N LEU D 115 -19.24 17.64 -31.32
CA LEU D 115 -19.56 16.60 -30.34
C LEU D 115 -20.87 16.91 -29.62
N HIS D 116 -21.07 18.18 -29.27
CA HIS D 116 -22.35 18.59 -28.69
C HIS D 116 -23.51 18.30 -29.64
N ALA D 117 -23.34 18.61 -30.93
CA ALA D 117 -24.39 18.34 -31.92
C ALA D 117 -24.72 16.84 -32.02
N GLN D 118 -23.69 16.00 -31.95
CA GLN D 118 -23.88 14.54 -31.92
C GLN D 118 -24.73 14.13 -30.72
N ALA D 119 -24.48 14.73 -29.57
CA ALA D 119 -25.14 14.34 -28.32
C ALA D 119 -26.56 14.91 -28.17
N LYS D 120 -26.82 16.04 -28.85
CA LYS D 120 -28.04 16.81 -28.60
C LYS D 120 -29.37 16.05 -28.67
N PRO D 121 -29.52 15.13 -29.61
CA PRO D 121 -30.75 14.35 -29.72
C PRO D 121 -31.01 13.46 -28.51
N TYR D 122 -29.99 13.18 -27.71
CA TYR D 122 -30.10 12.24 -26.59
C TYR D 122 -30.10 13.00 -25.27
N GLU D 123 -31.29 13.13 -24.69
CA GLU D 123 -31.44 13.95 -23.48
C GLU D 123 -30.71 13.41 -22.25
N ASN D 124 -30.39 12.12 -22.26
CA ASN D 124 -29.69 11.49 -21.14
C ASN D 124 -28.16 11.63 -21.19
N ILE D 125 -27.63 12.30 -22.21
CA ILE D 125 -26.18 12.44 -22.34
C ILE D 125 -25.71 13.82 -21.91
N SER D 126 -24.74 13.84 -20.99
CA SER D 126 -24.08 15.07 -20.61
C SER D 126 -22.64 14.97 -21.06
N LEU D 127 -21.95 16.11 -21.07
CA LEU D 127 -20.57 16.16 -21.52
C LEU D 127 -19.68 16.85 -20.51
N CYS D 128 -18.46 16.34 -20.35
CA CYS D 128 -17.43 17.01 -19.54
C CYS D 128 -16.22 17.22 -20.41
N GLN D 129 -15.84 18.48 -20.60
CA GLN D 129 -14.65 18.84 -21.36
C GLN D 129 -13.47 18.92 -20.40
N ALA D 130 -12.54 17.97 -20.55
CA ALA D 130 -11.33 17.95 -19.75
C ALA D 130 -10.46 19.11 -20.18
N LYS D 131 -9.97 19.87 -19.21
CA LYS D 131 -9.09 21.00 -19.52
C LYS D 131 -7.76 20.50 -20.08
N LEU D 132 -7.33 21.12 -21.16
CA LEU D 132 -6.05 20.81 -21.78
C LEU D 132 -5.31 22.12 -21.93
N ASP D 133 -4.59 22.52 -20.88
CA ASP D 133 -4.01 23.85 -20.89
C ASP D 133 -2.61 23.87 -21.43
N ILE D 134 -2.15 22.70 -21.89
CA ILE D 134 -0.87 22.62 -22.57
C ILE D 134 -1.10 22.22 -24.03
N ALA D 135 -0.46 22.96 -24.94
CA ALA D 135 -0.62 22.73 -26.38
C ALA D 135 -0.25 21.32 -26.84
N PHE D 136 -0.98 20.79 -27.81
CA PHE D 136 -0.72 19.45 -28.34
C PHE D 136 -1.00 18.31 -27.35
N GLY D 137 -1.70 18.64 -26.28
CA GLY D 137 -2.19 17.63 -25.35
C GLY D 137 -3.50 17.08 -25.88
N THR D 138 -3.84 15.86 -25.47
CA THR D 138 -5.13 15.27 -25.83
C THR D 138 -5.73 14.60 -24.62
N HIS D 139 -7.04 14.46 -24.60
CA HIS D 139 -7.64 13.67 -23.57
C HIS D 139 -7.76 12.27 -24.16
N HIS D 140 -6.76 11.46 -23.89
CA HIS D 140 -6.58 10.20 -24.61
C HIS D 140 -7.02 8.95 -23.84
N THR D 141 -7.14 9.06 -22.51
CA THR D 141 -7.69 8.01 -21.64
C THR D 141 -8.94 7.31 -22.18
N LYS D 142 -8.93 5.96 -22.16
CA LYS D 142 -10.13 5.18 -22.47
C LYS D 142 -10.59 4.41 -21.23
N MET D 143 -11.70 4.86 -20.65
CA MET D 143 -12.19 4.28 -19.41
C MET D 143 -13.70 4.35 -19.38
N MET D 144 -14.32 3.29 -18.84
CA MET D 144 -15.75 3.32 -18.58
C MET D 144 -15.94 3.21 -17.08
N LEU D 145 -16.79 4.05 -16.51
CA LEU D 145 -17.18 3.90 -15.11
C LEU D 145 -18.65 3.50 -15.19
N LEU D 146 -18.96 2.32 -14.66
CA LEU D 146 -20.27 1.71 -14.84
C LEU D 146 -20.90 1.50 -13.48
N LEU D 147 -21.90 2.31 -13.15
CA LEU D 147 -22.58 2.22 -11.87
C LEU D 147 -23.81 1.34 -12.06
N TYR D 148 -23.90 0.28 -11.27
CA TYR D 148 -24.98 -0.68 -11.33
C TYR D 148 -25.80 -0.62 -10.05
N GLU D 149 -26.96 -1.29 -10.06
CA GLU D 149 -27.74 -1.49 -8.84
C GLU D 149 -26.95 -2.37 -7.85
N GLU D 150 -26.15 -3.28 -8.41
CA GLU D 150 -25.43 -4.30 -7.66
C GLU D 150 -24.04 -3.85 -7.18
N GLY D 151 -23.52 -2.76 -7.76
CA GLY D 151 -22.17 -2.35 -7.44
C GLY D 151 -21.58 -1.41 -8.47
N LEU D 152 -20.26 -1.44 -8.58
CA LEU D 152 -19.54 -0.57 -9.50
C LEU D 152 -18.50 -1.37 -10.30
N ARG D 153 -18.35 -1.05 -11.57
CA ARG D 153 -17.26 -1.63 -12.35
C ARG D 153 -16.46 -0.55 -13.05
N VAL D 154 -15.14 -0.75 -13.13
CA VAL D 154 -14.25 0.14 -13.86
C VAL D 154 -13.64 -0.69 -14.97
N VAL D 155 -13.65 -0.15 -16.19
CA VAL D 155 -13.11 -0.79 -17.36
C VAL D 155 -12.08 0.15 -17.95
N ILE D 156 -10.82 -0.30 -18.02
CA ILE D 156 -9.77 0.53 -18.61
C ILE D 156 -9.30 -0.17 -19.88
N HIS D 157 -9.32 0.54 -21.00
CA HIS D 157 -9.08 -0.09 -22.28
C HIS D 157 -8.35 0.83 -23.29
N THR D 158 -8.33 0.42 -24.56
CA THR D 158 -7.56 1.14 -25.58
C THR D 158 -8.34 1.61 -26.80
N SER D 159 -9.65 1.37 -26.83
CA SER D 159 -10.45 1.67 -28.02
C SER D 159 -11.21 2.98 -27.94
N ASN D 160 -11.17 3.76 -29.03
CA ASN D 160 -12.08 4.88 -29.21
C ASN D 160 -13.52 4.38 -29.32
N LEU D 161 -14.49 5.26 -29.08
CA LEU D 161 -15.89 4.83 -29.12
C LEU D 161 -16.43 5.10 -30.52
N ILE D 162 -15.87 4.39 -31.50
CA ILE D 162 -16.34 4.44 -32.88
C ILE D 162 -16.30 3.00 -33.40
N HIS D 163 -17.15 2.72 -34.39
CA HIS D 163 -17.29 1.36 -34.92
C HIS D 163 -15.98 0.68 -35.33
N ALA D 164 -15.13 1.41 -36.04
CA ALA D 164 -13.90 0.84 -36.58
C ALA D 164 -12.93 0.34 -35.51
N ASP D 165 -12.92 0.99 -34.35
CA ASP D 165 -12.03 0.57 -33.28
C ASP D 165 -12.43 -0.76 -32.64
N TRP D 166 -13.67 -1.17 -32.85
CA TRP D 166 -14.13 -2.43 -32.22
C TRP D 166 -14.43 -3.50 -33.28
N HIS D 167 -14.03 -3.23 -34.52
CA HIS D 167 -14.38 -4.10 -35.64
C HIS D 167 -13.27 -5.09 -35.98
N GLN D 168 -12.15 -4.60 -36.53
CA GLN D 168 -11.07 -5.49 -36.94
C GLN D 168 -9.68 -5.07 -36.42
N LYS D 169 -9.63 -4.47 -35.23
CA LYS D 169 -8.35 -4.07 -34.64
C LYS D 169 -7.99 -4.97 -33.46
N THR D 170 -6.70 -5.08 -33.13
CA THR D 170 -6.32 -5.67 -31.86
C THR D 170 -6.37 -4.58 -30.79
N GLN D 171 -7.24 -4.78 -29.80
CA GLN D 171 -7.42 -3.79 -28.75
C GLN D 171 -7.42 -4.53 -27.42
N GLY D 172 -7.02 -3.85 -26.34
CA GLY D 172 -6.93 -4.47 -25.03
C GLY D 172 -7.90 -3.90 -24.02
N ILE D 173 -8.33 -4.74 -23.06
CA ILE D 173 -9.33 -4.37 -22.07
C ILE D 173 -8.95 -4.93 -20.72
N TRP D 174 -8.99 -4.11 -19.67
CA TRP D 174 -8.95 -4.62 -18.29
C TRP D 174 -10.31 -4.44 -17.65
N LEU D 175 -10.86 -5.51 -17.07
CA LEU D 175 -12.16 -5.46 -16.39
C LEU D 175 -12.00 -5.55 -14.90
N SER D 176 -12.43 -4.52 -14.16
CA SER D 176 -12.40 -4.63 -12.70
C SER D 176 -13.38 -5.71 -12.27
N PRO D 177 -13.24 -6.18 -11.03
CA PRO D 177 -14.30 -6.96 -10.39
C PRO D 177 -15.52 -6.08 -10.20
N LEU D 178 -16.68 -6.69 -9.93
CA LEU D 178 -17.84 -5.94 -9.47
C LEU D 178 -17.54 -5.48 -8.05
N TYR D 179 -17.37 -4.19 -7.87
CA TYR D 179 -17.06 -3.68 -6.55
C TYR D 179 -18.38 -3.45 -5.83
N PRO D 180 -18.55 -4.04 -4.65
CA PRO D 180 -19.77 -3.80 -3.86
C PRO D 180 -19.74 -2.46 -3.13
N ARG D 181 -20.93 -1.97 -2.78
CA ARG D 181 -21.05 -0.79 -1.94
C ARG D 181 -20.53 -1.13 -0.54
N ILE D 182 -19.97 -0.14 0.16
CA ILE D 182 -19.52 -0.38 1.53
C ILE D 182 -20.73 -0.30 2.48
N ALA D 183 -20.78 -1.23 3.44
CA ALA D 183 -21.92 -1.37 4.34
C ALA D 183 -22.23 -0.11 5.15
N ASP D 184 -23.49 -0.01 5.58
CA ASP D 184 -23.96 1.11 6.38
C ASP D 184 -23.17 1.21 7.69
N GLY D 185 -22.69 2.41 7.97
CA GLY D 185 -21.96 2.71 9.20
C GLY D 185 -20.88 1.72 9.58
N THR D 186 -20.34 1.01 8.59
CA THR D 186 -19.09 0.27 8.78
C THR D 186 -17.97 1.27 8.51
N HIS D 187 -16.78 1.02 9.05
CA HIS D 187 -15.67 1.97 8.89
C HIS D 187 -14.56 1.34 8.07
N LYS D 188 -14.83 1.06 6.80
CA LYS D 188 -13.84 0.45 5.92
C LYS D 188 -13.36 1.46 4.89
N SER D 189 -12.08 1.39 4.52
CA SER D 189 -11.55 2.30 3.50
C SER D 189 -12.01 1.87 2.13
N GLY D 190 -12.20 0.56 1.94
CA GLY D 190 -12.48 0.02 0.63
C GLY D 190 -11.25 0.00 -0.27
N GLU D 191 -10.07 0.10 0.36
CA GLU D 191 -8.82 0.27 -0.40
C GLU D 191 -8.12 -1.05 -0.64
N SER D 192 -7.40 -1.16 -1.75
CA SER D 192 -6.62 -2.36 -2.02
C SER D 192 -5.16 -2.18 -1.66
N PRO D 193 -4.41 -3.27 -1.54
CA PRO D 193 -2.96 -3.17 -1.30
C PRO D 193 -2.22 -2.42 -2.43
N THR D 194 -2.83 -2.30 -3.61
CA THR D 194 -2.17 -1.58 -4.71
C THR D 194 -2.54 -0.10 -4.70
N HIS D 195 -3.37 0.30 -3.74
CA HIS D 195 -3.87 1.68 -3.56
C HIS D 195 -4.67 2.21 -4.76
N PHE D 196 -5.32 1.29 -5.47
CA PHE D 196 -6.04 1.63 -6.69
C PHE D 196 -7.12 2.68 -6.45
N LYS D 197 -7.85 2.53 -5.34
CA LYS D 197 -8.95 3.43 -5.03
C LYS D 197 -8.51 4.88 -4.87
N ALA D 198 -7.53 5.11 -4.00
CA ALA D 198 -6.96 6.46 -3.82
C ALA D 198 -6.35 6.97 -5.13
N ASN D 199 -5.65 6.08 -5.84
CA ASN D 199 -4.99 6.44 -7.09
C ASN D 199 -6.04 6.82 -8.17
N LEU D 200 -7.14 6.08 -8.24
CA LEU D 200 -8.21 6.42 -9.18
C LEU D 200 -8.89 7.76 -8.82
N ILE D 201 -9.15 7.95 -7.53
CA ILE D 201 -9.67 9.23 -7.08
C ILE D 201 -8.72 10.40 -7.37
N SER D 202 -7.42 10.19 -7.15
CA SER D 202 -6.43 11.24 -7.44
C SER D 202 -6.46 11.58 -8.92
N TYR D 203 -6.53 10.56 -9.77
CA TYR D 203 -6.62 10.78 -11.22
C TYR D 203 -7.85 11.65 -11.58
N LEU D 204 -9.03 11.32 -11.04
CA LEU D 204 -10.23 12.08 -11.36
C LEU D 204 -10.21 13.49 -10.76
N THR D 205 -9.58 13.62 -9.60
CA THR D 205 -9.48 14.90 -8.92
C THR D 205 -8.73 15.93 -9.74
N ALA D 206 -7.72 15.47 -10.49
CA ALA D 206 -6.91 16.38 -11.31
C ALA D 206 -7.68 17.06 -12.43
N TYR D 207 -8.83 16.51 -12.82
CA TYR D 207 -9.69 17.19 -13.81
C TYR D 207 -10.32 18.49 -13.30
N ASN D 208 -10.56 18.60 -11.99
CA ASN D 208 -11.21 19.78 -11.43
C ASN D 208 -12.57 20.02 -12.04
N ALA D 209 -13.34 18.94 -12.22
CA ALA D 209 -14.61 19.03 -12.92
C ALA D 209 -15.77 18.55 -12.04
N PRO D 210 -16.84 19.35 -11.98
CA PRO D 210 -17.96 19.04 -11.09
C PRO D 210 -18.64 17.71 -11.39
N SER D 211 -18.80 17.42 -12.67
CA SER D 211 -19.39 16.16 -13.09
C SER D 211 -18.55 14.97 -12.62
N LEU D 212 -17.24 15.18 -12.49
CA LEU D 212 -16.37 14.09 -12.05
C LEU D 212 -16.39 13.93 -10.53
N LYS D 213 -16.66 15.01 -9.81
CA LYS D 213 -16.69 14.93 -8.35
C LYS D 213 -17.82 13.99 -7.95
N GLU D 214 -18.91 14.01 -8.70
CA GLU D 214 -19.99 13.05 -8.46
C GLU D 214 -19.53 11.60 -8.62
N TRP D 215 -18.63 11.35 -9.58
CA TRP D 215 -18.12 10.00 -9.77
C TRP D 215 -17.11 9.63 -8.68
N ILE D 216 -16.36 10.61 -8.20
CA ILE D 216 -15.45 10.43 -7.09
C ILE D 216 -16.23 9.97 -5.83
N ASP D 217 -17.39 10.57 -5.60
CA ASP D 217 -18.21 10.25 -4.44
C ASP D 217 -18.82 8.86 -4.54
N VAL D 218 -19.23 8.48 -5.73
CA VAL D 218 -19.57 7.10 -6.04
C VAL D 218 -18.42 6.12 -5.71
N ILE D 219 -17.22 6.38 -6.22
CA ILE D 219 -16.08 5.54 -5.89
C ILE D 219 -15.83 5.47 -4.37
N HIS D 220 -15.85 6.61 -3.68
CA HIS D 220 -15.70 6.64 -2.22
C HIS D 220 -16.63 5.63 -1.52
N LYS D 221 -17.84 5.49 -2.01
CA LYS D 221 -18.83 4.61 -1.39
C LYS D 221 -18.65 3.13 -1.71
N HIS D 222 -17.70 2.78 -2.58
CA HIS D 222 -17.56 1.38 -2.94
C HIS D 222 -16.29 0.73 -2.42
N ASP D 223 -16.33 -0.60 -2.35
CA ASP D 223 -15.25 -1.39 -1.83
C ASP D 223 -14.43 -1.95 -2.99
N LEU D 224 -13.27 -1.34 -3.21
CA LEU D 224 -12.38 -1.73 -4.31
C LEU D 224 -11.18 -2.55 -3.82
N SER D 225 -11.28 -3.09 -2.59
CA SER D 225 -10.15 -3.78 -1.98
C SER D 225 -9.66 -4.99 -2.76
N GLU D 226 -10.49 -5.57 -3.61
CA GLU D 226 -10.05 -6.78 -4.31
C GLU D 226 -9.14 -6.48 -5.50
N THR D 227 -8.99 -5.21 -5.85
CA THR D 227 -8.16 -4.86 -7.01
C THR D 227 -6.72 -5.33 -6.90
N ASN D 228 -6.23 -6.03 -7.91
CA ASN D 228 -4.85 -6.51 -7.85
C ASN D 228 -3.92 -5.90 -8.91
N VAL D 229 -4.35 -4.81 -9.54
CA VAL D 229 -3.47 -4.11 -10.47
C VAL D 229 -3.14 -2.72 -9.95
N TYR D 230 -2.07 -2.11 -10.49
CA TYR D 230 -1.69 -0.74 -10.13
C TYR D 230 -2.10 0.23 -11.22
N LEU D 231 -2.67 1.38 -10.83
CA LEU D 231 -3.06 2.41 -11.80
C LEU D 231 -1.86 3.25 -12.25
N ILE D 232 -1.73 3.45 -13.55
CA ILE D 232 -0.73 4.36 -14.07
C ILE D 232 -1.43 5.43 -14.89
N GLY D 233 -1.50 6.64 -14.37
CA GLY D 233 -2.12 7.73 -15.08
C GLY D 233 -1.13 8.76 -15.61
N SER D 234 -1.52 9.45 -16.68
CA SER D 234 -0.90 10.71 -17.06
C SER D 234 -1.97 11.79 -16.98
N THR D 235 -1.58 12.98 -16.54
CA THR D 235 -2.51 14.10 -16.54
C THR D 235 -1.66 15.34 -16.89
N PRO D 236 -2.25 16.34 -17.53
CA PRO D 236 -1.46 17.47 -18.04
C PRO D 236 -0.91 18.32 -16.88
N GLY D 237 0.35 18.68 -16.95
CA GLY D 237 0.94 19.62 -16.00
C GLY D 237 2.44 19.59 -16.01
N ARG D 238 3.04 20.32 -15.06
CA ARG D 238 4.47 20.28 -14.81
C ARG D 238 4.64 19.83 -13.38
N PHE D 239 5.28 18.69 -13.18
CA PHE D 239 5.30 18.06 -11.87
C PHE D 239 6.67 18.06 -11.24
N GLN D 240 6.74 18.58 -10.02
CA GLN D 240 8.00 18.76 -9.32
C GLN D 240 7.93 18.15 -7.92
N GLY D 241 9.08 17.96 -7.29
CA GLY D 241 9.11 17.54 -5.90
C GLY D 241 8.48 16.17 -5.73
N SER D 242 7.61 16.03 -4.73
CA SER D 242 6.99 14.74 -4.47
C SER D 242 6.00 14.41 -5.60
N GLN D 243 5.39 15.44 -6.16
CA GLN D 243 4.40 15.29 -7.22
C GLN D 243 4.99 14.63 -8.47
N LYS D 244 6.31 14.69 -8.60
CA LYS D 244 6.98 14.14 -9.77
C LYS D 244 6.78 12.65 -9.99
N ASP D 245 6.53 11.92 -8.90
CA ASP D 245 6.35 10.46 -8.94
C ASP D 245 4.91 10.03 -9.21
N ASN D 246 4.01 11.01 -9.33
CA ASN D 246 2.58 10.74 -9.42
C ASN D 246 2.11 10.23 -10.78
N TRP D 247 2.80 10.63 -11.84
CA TRP D 247 2.27 10.49 -13.20
C TRP D 247 3.32 10.06 -14.25
N GLY D 248 2.83 9.58 -15.38
CA GLY D 248 3.70 9.28 -16.52
C GLY D 248 4.77 8.26 -16.23
N HIS D 249 5.93 8.40 -16.88
CA HIS D 249 6.92 7.35 -16.76
C HIS D 249 7.59 7.31 -15.39
N PHE D 250 7.55 8.43 -14.66
CA PHE D 250 8.05 8.44 -13.27
C PHE D 250 7.12 7.68 -12.33
N ARG D 251 5.82 7.66 -12.64
CA ARG D 251 4.92 6.86 -11.84
C ARG D 251 5.30 5.39 -12.02
N LEU D 252 5.49 4.96 -13.27
CA LEU D 252 5.92 3.60 -13.53
C LEU D 252 7.25 3.27 -12.82
N LYS D 253 8.21 4.18 -12.92
CA LYS D 253 9.51 3.98 -12.26
C LYS D 253 9.36 3.73 -10.76
N LYS D 254 8.56 4.57 -10.09
CA LYS D 254 8.43 4.45 -8.64
C LYS D 254 7.78 3.12 -8.27
N LEU D 255 6.79 2.68 -9.06
CA LEU D 255 6.11 1.40 -8.80
C LEU D 255 7.07 0.23 -8.98
N LEU D 256 7.90 0.30 -10.02
CA LEU D 256 8.87 -0.75 -10.29
C LEU D 256 10.01 -0.76 -9.26
N LYS D 257 10.35 0.42 -8.77
CA LYS D 257 11.33 0.56 -7.69
C LYS D 257 10.80 -0.03 -6.38
N ASP D 258 9.53 0.18 -6.07
CA ASP D 258 8.94 -0.25 -4.79
C ASP D 258 8.39 -1.68 -4.77
N HIS D 259 7.90 -2.17 -5.91
CA HIS D 259 7.11 -3.41 -5.91
C HIS D 259 7.58 -4.49 -6.87
N ALA D 260 8.78 -4.32 -7.42
CA ALA D 260 9.45 -5.36 -8.19
C ALA D 260 10.82 -5.56 -7.57
N SER D 261 11.48 -6.65 -7.93
CA SER D 261 12.81 -6.94 -7.41
C SER D 261 13.76 -7.26 -8.57
N SER D 262 15.01 -6.86 -8.44
CA SER D 262 15.99 -7.13 -9.50
C SER D 262 16.49 -8.56 -9.39
N MET D 263 16.52 -9.25 -10.53
CA MET D 263 17.04 -10.61 -10.57
C MET D 263 18.48 -10.54 -11.08
N PRO D 264 19.24 -11.60 -10.85
CA PRO D 264 20.59 -11.66 -11.42
C PRO D 264 20.48 -11.66 -12.94
N ASN D 265 21.37 -10.93 -13.60
CA ASN D 265 21.36 -10.81 -15.08
C ASN D 265 20.24 -9.92 -15.61
N ALA D 266 19.68 -9.09 -14.74
CA ALA D 266 18.63 -8.13 -15.14
C ALA D 266 18.98 -7.39 -16.43
N GLU D 267 20.25 -7.02 -16.60
CA GLU D 267 20.70 -6.24 -17.75
C GLU D 267 20.43 -6.93 -19.07
N SER D 268 20.17 -8.23 -19.02
CA SER D 268 19.84 -8.97 -20.23
C SER D 268 18.34 -9.19 -20.40
N TRP D 269 17.55 -8.77 -19.41
CA TRP D 269 16.07 -8.80 -19.58
C TRP D 269 15.66 -7.62 -20.47
N PRO D 270 15.13 -7.89 -21.65
CA PRO D 270 14.72 -6.82 -22.57
C PRO D 270 13.54 -5.99 -22.10
N VAL D 271 13.38 -4.82 -22.73
CA VAL D 271 12.17 -4.03 -22.58
C VAL D 271 11.44 -4.09 -23.92
N VAL D 272 10.11 -4.19 -23.87
CA VAL D 272 9.29 -4.17 -25.07
C VAL D 272 8.23 -3.09 -24.97
N GLY D 273 8.15 -2.24 -25.98
CA GLY D 273 7.07 -1.26 -26.07
C GLY D 273 6.33 -1.47 -27.37
N GLN D 274 5.00 -1.34 -27.33
CA GLN D 274 4.15 -1.69 -28.46
C GLN D 274 3.03 -0.65 -28.51
N PHE D 275 2.86 0.04 -29.65
CA PHE D 275 2.01 1.25 -29.68
C PHE D 275 1.51 1.52 -31.10
N SER D 276 0.72 2.58 -31.25
CA SER D 276 0.11 2.85 -32.57
C SER D 276 0.29 4.30 -33.00
N SER D 277 0.96 5.10 -32.18
CA SER D 277 1.25 6.49 -32.54
C SER D 277 2.63 6.83 -32.03
N VAL D 278 3.37 7.64 -32.79
CA VAL D 278 4.74 7.96 -32.44
C VAL D 278 4.95 9.48 -32.36
N GLY D 279 5.47 9.97 -31.23
CA GLY D 279 5.72 11.40 -31.04
C GLY D 279 7.08 11.77 -31.63
N SER D 280 7.43 13.07 -31.63
CA SER D 280 8.82 13.42 -31.95
C SER D 280 9.64 13.20 -30.70
N LEU D 281 10.63 12.32 -30.82
CA LEU D 281 11.38 11.85 -29.67
C LEU D 281 12.73 12.56 -29.54
N GLY D 282 13.11 13.31 -30.57
CA GLY D 282 14.34 14.07 -30.54
C GLY D 282 15.33 13.62 -31.61
N ALA D 283 16.41 14.38 -31.75
CA ALA D 283 17.37 14.18 -32.84
C ALA D 283 18.14 12.86 -32.76
N ASP D 284 18.18 12.24 -31.59
CA ASP D 284 18.77 10.90 -31.42
C ASP D 284 18.23 10.21 -30.16
N GLU D 285 18.66 8.98 -29.93
CA GLU D 285 18.15 8.17 -28.82
C GLU D 285 18.55 8.62 -27.41
N SER D 286 19.52 9.52 -27.30
CA SER D 286 19.97 9.97 -25.97
C SER D 286 19.11 11.13 -25.47
N LYS D 287 18.30 11.68 -26.35
CA LYS D 287 17.45 12.81 -25.97
C LYS D 287 16.29 12.48 -25.03
N TRP D 288 15.70 11.30 -25.20
CA TRP D 288 14.56 10.91 -24.38
C TRP D 288 14.36 9.41 -24.34
N LEU D 289 14.37 8.77 -25.49
CA LEU D 289 14.03 7.35 -25.58
C LEU D 289 14.94 6.47 -24.72
N CYS D 290 16.25 6.62 -24.90
CA CYS D 290 17.21 5.78 -24.23
C CYS D 290 17.84 6.43 -23.00
N SER D 291 17.42 7.65 -22.65
CA SER D 291 17.86 8.25 -21.40
C SER D 291 16.78 8.15 -20.33
N GLU D 292 15.80 9.05 -20.35
CA GLU D 292 14.78 9.01 -19.30
C GLU D 292 13.70 7.92 -19.45
N PHE D 293 13.18 7.70 -20.66
CA PHE D 293 12.13 6.69 -20.87
C PHE D 293 12.57 5.22 -20.61
N LYS D 294 13.59 4.74 -21.33
CA LYS D 294 14.09 3.38 -21.06
C LYS D 294 14.61 3.23 -19.62
N GLU D 295 15.15 4.31 -19.06
CA GLU D 295 15.64 4.29 -17.69
C GLU D 295 14.52 4.01 -16.70
N SER D 296 13.35 4.61 -16.95
CA SER D 296 12.22 4.34 -16.08
C SER D 296 11.79 2.89 -16.24
N MET D 297 11.68 2.43 -17.48
CA MET D 297 11.22 1.08 -17.77
C MET D 297 12.15 -0.08 -17.42
N LEU D 298 13.45 0.16 -17.33
CA LEU D 298 14.34 -0.92 -16.95
C LEU D 298 14.49 -0.97 -15.43
N THR D 299 13.90 -0.02 -14.71
CA THR D 299 13.91 -0.04 -13.25
C THR D 299 13.35 -1.34 -12.67
N LEU D 300 14.07 -1.90 -11.71
CA LEU D 300 13.59 -3.03 -10.91
C LEU D 300 14.19 -2.94 -9.51
N GLY D 301 13.36 -2.65 -8.51
CA GLY D 301 13.83 -2.57 -7.13
C GLY D 301 14.83 -1.45 -6.89
N SER D 311 22.86 -1.15 -21.95
CA SER D 311 23.01 -2.59 -22.23
C SER D 311 21.68 -3.33 -22.52
N VAL D 312 20.61 -2.96 -21.84
CA VAL D 312 19.32 -3.65 -21.98
C VAL D 312 18.77 -3.50 -23.40
N PRO D 313 18.41 -4.61 -24.04
CA PRO D 313 17.83 -4.58 -25.38
C PRO D 313 16.42 -4.01 -25.35
N LEU D 314 16.11 -3.15 -26.32
CA LEU D 314 14.83 -2.49 -26.42
C LEU D 314 14.15 -2.91 -27.72
N TYR D 315 12.96 -3.51 -27.61
CA TYR D 315 12.17 -3.90 -28.77
C TYR D 315 10.97 -2.98 -28.87
N LEU D 316 10.83 -2.28 -29.99
CA LEU D 316 9.60 -1.53 -30.26
C LEU D 316 8.78 -2.20 -31.34
N ILE D 317 7.49 -2.41 -31.08
CA ILE D 317 6.58 -3.04 -32.04
C ILE D 317 5.62 -2.00 -32.63
N TYR D 318 5.69 -1.82 -33.95
CA TYR D 318 4.88 -0.84 -34.67
C TYR D 318 4.69 -1.36 -36.11
N PRO D 319 3.46 -1.34 -36.63
CA PRO D 319 3.16 -1.97 -37.92
C PRO D 319 3.94 -1.38 -39.10
N SER D 320 4.45 -2.26 -39.94
CA SER D 320 5.11 -1.87 -41.18
C SER D 320 4.05 -1.56 -42.20
N VAL D 321 4.44 -0.90 -43.29
CA VAL D 321 3.55 -0.73 -44.44
C VAL D 321 2.92 -2.07 -44.88
N GLU D 322 3.73 -3.11 -44.97
CA GLU D 322 3.23 -4.41 -45.41
C GLU D 322 2.23 -5.02 -44.42
N ASN D 323 2.49 -4.80 -43.13
CA ASN D 323 1.54 -5.20 -42.09
C ASN D 323 0.19 -4.57 -42.43
N VAL D 324 0.20 -3.28 -42.74
CA VAL D 324 -1.03 -2.54 -43.00
C VAL D 324 -1.71 -2.97 -44.30
N ARG D 325 -0.91 -3.15 -45.35
CA ARG D 325 -1.43 -3.49 -46.68
C ARG D 325 -2.19 -4.83 -46.66
N THR D 326 -1.63 -5.80 -45.95
CA THR D 326 -2.18 -7.15 -45.96
C THR D 326 -3.18 -7.35 -44.82
N SER D 327 -3.56 -6.27 -44.15
CA SER D 327 -4.41 -6.38 -42.95
C SER D 327 -5.87 -6.57 -43.32
N LEU D 328 -6.68 -6.99 -42.35
CA LEU D 328 -8.12 -7.15 -42.57
C LEU D 328 -8.75 -5.90 -43.18
N GLU D 329 -8.36 -4.71 -42.69
CA GLU D 329 -8.99 -3.48 -43.18
C GLU D 329 -8.30 -2.95 -44.43
N GLY D 330 -7.06 -3.39 -44.65
CA GLY D 330 -6.25 -2.86 -45.72
C GLY D 330 -5.71 -1.51 -45.30
N TYR D 331 -5.40 -0.69 -46.30
CA TYR D 331 -4.80 0.62 -46.05
C TYR D 331 -5.55 1.55 -45.06
N PRO D 332 -6.90 1.53 -45.05
CA PRO D 332 -7.65 2.33 -44.07
C PRO D 332 -7.26 2.04 -42.61
N ALA D 333 -6.72 0.86 -42.32
CA ALA D 333 -6.22 0.60 -40.97
C ALA D 333 -5.17 1.68 -40.60
N GLY D 334 -4.51 2.22 -41.63
CA GLY D 334 -3.49 3.24 -41.45
C GLY D 334 -4.05 4.57 -40.94
N GLY D 335 -5.35 4.77 -41.06
CA GLY D 335 -5.97 5.96 -40.53
C GLY D 335 -5.94 6.03 -38.99
N SER D 336 -5.58 4.93 -38.35
CA SER D 336 -5.49 4.87 -36.88
C SER D 336 -4.06 4.61 -36.43
N LEU D 337 -3.12 4.84 -37.35
CA LEU D 337 -1.71 4.74 -37.05
C LEU D 337 -1.08 6.04 -37.56
N PRO D 338 -1.31 7.14 -36.87
CA PRO D 338 -1.10 8.48 -37.45
C PRO D 338 0.33 9.01 -37.35
N TYR D 339 1.32 8.19 -37.71
CA TYR D 339 2.73 8.60 -37.71
C TYR D 339 2.94 9.44 -38.99
N SER D 340 3.31 10.71 -38.85
CA SER D 340 3.35 11.59 -40.02
C SER D 340 4.76 11.60 -40.60
N ILE D 341 4.91 11.94 -41.88
CA ILE D 341 6.25 11.99 -42.46
C ILE D 341 7.08 13.11 -41.81
N GLN D 342 6.43 14.22 -41.47
CA GLN D 342 7.09 15.34 -40.78
C GLN D 342 7.80 14.90 -39.50
N THR D 343 7.16 14.02 -38.74
CA THR D 343 7.79 13.49 -37.54
C THR D 343 8.89 12.50 -37.90
N ALA D 344 8.56 11.54 -38.76
CA ALA D 344 9.45 10.43 -39.07
C ALA D 344 10.80 10.86 -39.64
N GLU D 345 10.79 11.85 -40.53
CA GLU D 345 12.03 12.28 -41.19
C GLU D 345 12.98 12.98 -40.22
N LYS D 346 12.46 13.38 -39.06
CA LYS D 346 13.29 13.97 -38.00
C LYS D 346 14.02 12.93 -37.17
N GLN D 347 13.70 11.65 -37.36
CA GLN D 347 14.18 10.63 -36.43
C GLN D 347 14.27 9.25 -37.06
N ASN D 348 14.92 9.18 -38.22
CA ASN D 348 15.16 7.93 -38.89
C ASN D 348 15.88 6.91 -38.01
N TRP D 349 16.73 7.40 -37.11
CA TRP D 349 17.44 6.56 -36.14
C TRP D 349 16.50 5.60 -35.36
N LEU D 350 15.27 6.05 -35.10
CA LEU D 350 14.34 5.28 -34.25
C LEU D 350 13.91 4.00 -34.94
N HIS D 351 13.91 4.03 -36.26
CA HIS D 351 13.35 2.92 -37.03
C HIS D 351 14.16 1.62 -36.98
N SER D 352 15.40 1.67 -36.51
CA SER D 352 16.16 0.43 -36.39
C SER D 352 15.79 -0.31 -35.10
N TYR D 353 14.90 0.27 -34.32
CA TYR D 353 14.38 -0.38 -33.14
C TYR D 353 13.04 -1.08 -33.44
N PHE D 354 12.53 -0.88 -34.64
CA PHE D 354 11.16 -1.26 -34.94
C PHE D 354 11.02 -2.72 -35.38
N HIS D 355 9.98 -3.36 -34.87
CA HIS D 355 9.69 -4.75 -35.17
C HIS D 355 8.27 -4.84 -35.68
N LYS D 356 8.00 -5.83 -36.54
CA LYS D 356 6.71 -5.95 -37.18
C LYS D 356 5.66 -6.42 -36.19
N TRP D 357 4.41 -6.14 -36.52
CA TRP D 357 3.27 -6.68 -35.77
C TRP D 357 3.04 -8.14 -36.16
N SER D 358 3.00 -9.02 -35.17
CA SER D 358 2.74 -10.44 -35.41
C SER D 358 1.97 -10.99 -34.20
N ALA D 359 0.88 -11.70 -34.45
CA ALA D 359 0.05 -12.15 -33.35
C ALA D 359 -0.62 -13.47 -33.69
N GLU D 360 0.17 -14.43 -34.18
CA GLU D 360 -0.35 -15.79 -34.45
C GLU D 360 -0.95 -16.38 -33.18
N THR D 361 -0.32 -16.08 -32.04
CA THR D 361 -0.80 -16.56 -30.73
C THR D 361 -2.27 -16.25 -30.45
N SER D 362 -2.74 -15.12 -30.94
CA SER D 362 -4.13 -14.70 -30.77
C SER D 362 -4.89 -14.61 -32.10
N GLY D 363 -4.27 -15.10 -33.18
CA GLY D 363 -4.90 -15.14 -34.50
C GLY D 363 -5.18 -13.77 -35.06
N ARG D 364 -4.36 -12.81 -34.63
CA ARG D 364 -4.60 -11.40 -34.87
C ARG D 364 -3.47 -10.70 -35.66
N SER D 365 -2.69 -11.48 -36.42
CA SER D 365 -1.63 -10.89 -37.22
C SER D 365 -2.17 -9.86 -38.23
N ASN D 366 -3.39 -10.09 -38.72
CA ASN D 366 -4.01 -9.23 -39.72
C ASN D 366 -4.91 -8.13 -39.13
N ALA D 367 -5.05 -8.15 -37.81
CA ALA D 367 -5.82 -7.14 -37.09
C ALA D 367 -4.87 -6.11 -36.49
N MET D 368 -4.78 -4.96 -37.16
CA MET D 368 -3.78 -3.95 -36.80
C MET D 368 -3.95 -3.50 -35.34
N PRO D 369 -2.84 -3.34 -34.65
CA PRO D 369 -2.88 -3.00 -33.23
C PRO D 369 -3.32 -1.55 -33.01
N HIS D 370 -4.27 -1.38 -32.10
CA HIS D 370 -4.52 -0.10 -31.52
C HIS D 370 -4.33 -0.19 -30.00
N ILE D 371 -4.15 -1.41 -29.51
CA ILE D 371 -3.73 -1.62 -28.13
C ILE D 371 -2.33 -1.00 -27.96
N LYS D 372 -1.96 -0.60 -26.74
CA LYS D 372 -0.58 -0.24 -26.40
C LYS D 372 -0.14 -1.03 -25.19
N THR D 373 1.04 -1.64 -25.25
CA THR D 373 1.52 -2.45 -24.14
C THR D 373 3.01 -2.23 -23.95
N TYR D 374 3.45 -2.46 -22.73
CA TYR D 374 4.86 -2.37 -22.39
C TYR D 374 5.12 -3.51 -21.42
N MET D 375 6.28 -4.12 -21.54
CA MET D 375 6.59 -5.26 -20.68
C MET D 375 8.08 -5.55 -20.59
N ARG D 376 8.44 -6.38 -19.63
CA ARG D 376 9.83 -6.71 -19.34
C ARG D 376 10.04 -8.22 -19.36
N PRO D 377 10.30 -8.77 -20.54
CA PRO D 377 10.49 -10.22 -20.67
C PRO D 377 11.86 -10.70 -20.19
N SER D 378 11.95 -11.98 -19.84
CA SER D 378 13.25 -12.62 -19.63
C SER D 378 14.00 -12.74 -20.97
N PRO D 379 15.29 -13.07 -20.93
CA PRO D 379 16.09 -13.16 -22.16
C PRO D 379 15.54 -14.17 -23.18
N ASP D 380 14.88 -15.24 -22.74
CA ASP D 380 14.29 -16.20 -23.69
C ASP D 380 12.81 -15.97 -23.88
N PHE D 381 12.29 -14.86 -23.33
CA PHE D 381 10.89 -14.44 -23.56
C PHE D 381 9.85 -15.41 -23.01
N SER D 382 10.27 -16.23 -22.06
CA SER D 382 9.41 -17.28 -21.49
C SER D 382 8.67 -16.78 -20.27
N LYS D 383 9.17 -15.71 -19.67
CA LYS D 383 8.50 -15.11 -18.54
C LYS D 383 8.61 -13.59 -18.57
N ILE D 384 7.84 -12.92 -17.73
CA ILE D 384 7.94 -11.47 -17.67
C ILE D 384 7.97 -10.97 -16.23
N ALA D 385 8.64 -9.85 -16.00
CA ALA D 385 8.67 -9.29 -14.66
C ALA D 385 7.47 -8.38 -14.38
N TRP D 386 6.74 -8.00 -15.44
CA TRP D 386 5.60 -7.09 -15.39
C TRP D 386 5.01 -6.84 -16.78
N PHE D 387 3.80 -6.30 -16.82
CA PHE D 387 3.13 -6.06 -18.08
C PHE D 387 2.22 -4.87 -17.84
N LEU D 388 2.19 -3.97 -18.82
CA LEU D 388 1.35 -2.79 -18.72
C LEU D 388 0.47 -2.71 -19.96
N VAL D 389 -0.83 -2.52 -19.75
CA VAL D 389 -1.71 -2.15 -20.84
C VAL D 389 -2.19 -0.73 -20.54
N THR D 390 -2.13 0.14 -21.54
CA THR D 390 -2.40 1.55 -21.31
C THR D 390 -2.88 2.22 -22.58
N SER D 391 -3.46 3.41 -22.46
CA SER D 391 -3.78 4.20 -23.64
C SER D 391 -2.52 4.92 -24.15
N ALA D 392 -1.44 4.93 -23.36
CA ALA D 392 -0.26 5.73 -23.72
C ALA D 392 0.53 5.18 -24.91
N ASN D 393 0.64 5.97 -25.97
CA ASN D 393 1.49 5.64 -27.10
C ASN D 393 2.94 6.09 -26.86
N LEU D 394 3.81 5.93 -27.86
CA LEU D 394 5.22 6.28 -27.67
C LEU D 394 5.41 7.77 -27.98
N SER D 395 5.08 8.60 -27.02
CA SER D 395 5.24 10.05 -27.14
C SER D 395 5.59 10.62 -25.80
N LYS D 396 6.32 11.73 -25.84
CA LYS D 396 6.56 12.53 -24.66
C LYS D 396 5.28 13.14 -24.15
N ALA D 397 4.39 13.51 -25.07
CA ALA D 397 3.10 14.07 -24.68
C ALA D 397 2.37 13.14 -23.69
N ALA D 398 2.41 11.83 -23.97
CA ALA D 398 1.70 10.84 -23.14
C ALA D 398 2.49 10.46 -21.89
N TRP D 399 3.82 10.35 -22.04
CA TRP D 399 4.65 9.75 -20.99
C TRP D 399 5.33 10.77 -20.09
N GLY D 400 5.45 12.01 -20.57
CA GLY D 400 6.17 13.02 -19.82
C GLY D 400 7.62 13.19 -20.31
N ALA D 401 8.08 14.42 -20.25
CA ALA D 401 9.51 14.73 -20.49
C ALA D 401 10.04 15.65 -19.39
N LEU D 402 11.25 15.38 -18.96
CA LEU D 402 11.89 16.18 -17.92
C LEU D 402 12.26 17.56 -18.43
N GLU D 403 11.98 18.56 -17.60
CA GLU D 403 12.25 19.96 -17.89
C GLU D 403 12.99 20.54 -16.69
N LYS D 404 13.42 21.80 -16.83
CA LYS D 404 14.06 22.55 -15.75
C LYS D 404 15.19 21.78 -15.13
N ASN D 405 16.13 21.34 -15.95
CA ASN D 405 17.33 20.68 -15.47
C ASN D 405 17.02 19.37 -14.71
N GLY D 406 16.15 18.55 -15.28
CA GLY D 406 15.80 17.26 -14.69
C GLY D 406 14.95 17.30 -13.42
N THR D 407 14.35 18.45 -13.11
CA THR D 407 13.60 18.56 -11.86
C THR D 407 12.09 18.59 -12.04
N GLN D 408 11.65 18.67 -13.29
CA GLN D 408 10.23 18.85 -13.54
C GLN D 408 9.78 17.92 -14.67
N LEU D 409 8.74 17.14 -14.42
CA LEU D 409 8.18 16.29 -15.47
C LEU D 409 6.99 17.00 -16.11
N MET D 410 7.09 17.22 -17.40
CA MET D 410 6.01 17.88 -18.11
C MET D 410 5.21 16.89 -18.95
N ILE D 411 3.89 16.88 -18.75
CA ILE D 411 3.00 15.97 -19.49
C ILE D 411 1.98 16.80 -20.20
N ARG D 412 1.71 16.47 -21.45
CA ARG D 412 0.70 17.20 -22.20
C ARG D 412 -0.72 16.62 -22.08
N SER D 413 -0.82 15.31 -21.78
CA SER D 413 -2.08 14.57 -22.01
C SER D 413 -2.67 13.82 -20.82
N TYR D 414 -3.93 13.42 -20.94
CA TYR D 414 -4.53 12.43 -20.06
C TYR D 414 -4.34 11.06 -20.70
N GLU D 415 -3.74 10.15 -19.94
CA GLU D 415 -3.61 8.74 -20.32
C GLU D 415 -3.91 7.87 -19.09
N LEU D 416 -4.21 6.60 -19.32
CA LEU D 416 -4.48 5.69 -18.20
C LEU D 416 -4.21 4.25 -18.59
N GLY D 417 -3.55 3.53 -17.68
CA GLY D 417 -3.22 2.15 -17.92
C GLY D 417 -3.24 1.37 -16.62
N VAL D 418 -3.18 0.05 -16.72
CA VAL D 418 -3.02 -0.79 -15.54
C VAL D 418 -1.80 -1.66 -15.62
N LEU D 419 -1.06 -1.71 -14.52
CA LEU D 419 0.17 -2.46 -14.42
C LEU D 419 -0.05 -3.76 -13.64
N PHE D 420 0.39 -4.87 -14.24
CA PHE D 420 0.34 -6.20 -13.64
C PHE D 420 1.74 -6.53 -13.09
N LEU D 421 1.82 -6.63 -11.77
CA LEU D 421 3.08 -6.92 -11.09
C LEU D 421 2.95 -8.26 -10.36
N PRO D 422 3.89 -9.17 -10.60
CA PRO D 422 3.84 -10.49 -9.95
C PRO D 422 3.69 -10.39 -8.43
N SER D 423 4.28 -9.37 -7.83
CA SER D 423 4.21 -9.19 -6.37
C SER D 423 2.78 -9.04 -5.87
N ALA D 424 1.89 -8.50 -6.70
CA ALA D 424 0.50 -8.26 -6.31
C ALA D 424 -0.27 -9.56 -6.26
N LEU D 425 0.30 -10.60 -6.83
CA LEU D 425 -0.27 -11.95 -6.73
C LEU D 425 0.62 -12.87 -5.87
N GLY D 426 1.63 -12.31 -5.23
CA GLY D 426 2.56 -13.08 -4.41
C GLY D 426 3.61 -13.84 -5.21
N LEU D 427 3.85 -13.42 -6.44
CA LEU D 427 4.79 -14.12 -7.32
C LEU D 427 6.03 -13.28 -7.59
N ASP D 428 7.03 -13.88 -8.22
CA ASP D 428 8.25 -13.16 -8.64
C ASP D 428 8.26 -12.79 -10.12
N SER D 429 7.60 -13.61 -10.93
CA SER D 429 7.47 -13.32 -12.35
C SER D 429 6.22 -14.02 -12.83
N PHE D 430 5.77 -13.67 -14.03
CA PHE D 430 4.70 -14.42 -14.67
C PHE D 430 5.32 -15.21 -15.81
N LYS D 431 4.89 -16.45 -15.96
CA LYS D 431 5.19 -17.23 -17.15
C LYS D 431 4.34 -16.70 -18.30
N VAL D 432 4.93 -16.60 -19.48
CA VAL D 432 4.16 -16.15 -20.62
C VAL D 432 3.27 -17.29 -21.13
N LYS D 433 1.97 -17.00 -21.29
CA LYS D 433 1.08 -17.93 -21.95
C LYS D 433 1.41 -17.94 -23.44
N GLN D 434 1.84 -19.11 -23.93
CA GLN D 434 2.36 -19.25 -25.28
C GLN D 434 1.28 -19.22 -26.37
N LYS D 435 0.06 -19.62 -26.02
CA LYS D 435 -1.05 -19.52 -26.96
C LYS D 435 -2.22 -18.80 -26.28
N PHE D 436 -2.50 -17.57 -26.71
CA PHE D 436 -3.37 -16.65 -25.98
C PHE D 436 -4.70 -17.27 -25.59
N PHE D 437 -5.26 -18.07 -26.50
CA PHE D 437 -6.52 -18.76 -26.24
C PHE D 437 -6.25 -20.24 -25.99
N THR D 446 -0.32 -17.79 -15.50
CA THR D 446 0.43 -17.41 -16.70
C THR D 446 -0.25 -16.28 -17.49
N PHE D 447 0.55 -15.27 -17.82
CA PHE D 447 0.02 -14.06 -18.41
C PHE D 447 -0.20 -14.16 -19.92
N PRO D 448 -1.39 -13.78 -20.36
CA PRO D 448 -1.73 -13.84 -21.79
C PRO D 448 -1.20 -12.67 -22.63
N VAL D 449 0.06 -12.78 -23.04
CA VAL D 449 0.68 -11.81 -23.94
C VAL D 449 0.02 -11.94 -25.31
N PRO D 450 -0.59 -10.86 -25.78
CA PRO D 450 -1.45 -10.92 -26.97
C PRO D 450 -0.77 -11.03 -28.32
N TYR D 451 0.55 -10.86 -28.39
CA TYR D 451 1.26 -10.96 -29.66
C TYR D 451 2.46 -11.87 -29.52
N ASP D 452 3.14 -12.10 -30.63
CA ASP D 452 4.15 -13.13 -30.70
C ASP D 452 5.47 -12.65 -30.13
N LEU D 453 6.17 -13.57 -29.49
CA LEU D 453 7.55 -13.36 -29.06
C LEU D 453 8.47 -14.44 -29.64
N PRO D 454 9.74 -14.10 -29.87
CA PRO D 454 10.25 -12.74 -29.67
C PRO D 454 9.73 -11.89 -30.82
N PRO D 455 9.79 -10.57 -30.73
CA PRO D 455 9.32 -9.74 -31.84
C PRO D 455 10.28 -9.88 -33.03
N GLU D 456 9.75 -9.74 -34.23
CA GLU D 456 10.54 -9.86 -35.44
C GLU D 456 10.97 -8.50 -36.00
N LEU D 457 12.28 -8.29 -36.10
CA LEU D 457 12.78 -7.01 -36.61
C LEU D 457 12.28 -6.78 -38.05
N TYR D 458 12.12 -5.51 -38.42
CA TYR D 458 11.75 -5.14 -39.78
C TYR D 458 12.80 -5.71 -40.75
N GLY D 459 12.35 -6.19 -41.90
CA GLY D 459 13.24 -6.62 -42.97
C GLY D 459 13.85 -5.43 -43.68
N SER D 460 14.88 -5.69 -44.49
CA SER D 460 15.62 -4.61 -45.15
C SER D 460 14.76 -3.72 -46.04
N LYS D 461 13.67 -4.25 -46.59
CA LYS D 461 12.79 -3.43 -47.42
C LYS D 461 11.51 -2.95 -46.70
N ASP D 462 11.46 -3.19 -45.40
CA ASP D 462 10.29 -2.79 -44.62
C ASP D 462 10.40 -1.35 -44.22
N ARG D 463 9.26 -0.67 -44.17
CA ARG D 463 9.17 0.70 -43.67
C ARG D 463 8.04 0.77 -42.65
N PRO D 464 8.19 1.67 -41.69
CA PRO D 464 7.11 1.95 -40.74
C PRO D 464 5.92 2.53 -41.50
N TRP D 465 4.71 2.13 -41.12
CA TRP D 465 3.55 2.80 -41.66
C TRP D 465 3.63 4.30 -41.38
N ILE D 466 3.51 5.11 -42.44
CA ILE D 466 3.49 6.57 -42.30
C ILE D 466 2.22 7.00 -43.00
N TRP D 467 1.32 7.65 -42.26
CA TRP D 467 -0.05 7.82 -42.75
C TRP D 467 -0.29 8.83 -43.88
N ASN D 468 0.59 9.81 -44.02
CA ASN D 468 0.35 10.90 -44.96
C ASN D 468 1.28 10.95 -46.19
N ILE D 469 1.82 9.80 -46.55
CA ILE D 469 2.44 9.63 -47.86
C ILE D 469 1.70 8.54 -48.61
N PRO D 470 1.80 8.57 -49.93
CA PRO D 470 1.07 7.61 -50.76
C PRO D 470 1.78 6.26 -50.87
N TYR D 471 0.97 5.21 -51.04
CA TYR D 471 1.46 3.88 -51.26
C TYR D 471 0.72 3.38 -52.48
N VAL D 472 1.44 3.30 -53.61
CA VAL D 472 0.81 2.95 -54.88
C VAL D 472 1.57 1.83 -55.58
N LYS D 473 2.54 1.24 -54.89
CA LYS D 473 3.30 0.13 -55.46
C LYS D 473 2.48 -1.15 -55.52
N ALA D 474 1.61 -1.35 -54.54
CA ALA D 474 0.88 -2.59 -54.41
C ALA D 474 -0.44 -2.37 -53.66
N PRO D 475 -1.49 -3.07 -54.09
CA PRO D 475 -2.84 -2.83 -53.60
C PRO D 475 -3.14 -3.59 -52.31
N ASP D 476 -4.09 -3.08 -51.53
CA ASP D 476 -4.41 -3.72 -50.27
C ASP D 476 -5.40 -4.86 -50.44
N THR D 477 -5.81 -5.44 -49.32
CA THR D 477 -6.68 -6.60 -49.35
C THR D 477 -8.09 -6.32 -49.91
N HIS D 478 -8.41 -5.05 -50.12
CA HIS D 478 -9.71 -4.69 -50.71
C HIS D 478 -9.53 -4.19 -52.16
N GLY D 479 -8.29 -4.22 -52.68
CA GLY D 479 -8.01 -3.84 -54.05
C GLY D 479 -7.64 -2.37 -54.23
N ASN D 480 -7.41 -1.69 -53.12
CA ASN D 480 -7.19 -0.25 -53.10
C ASN D 480 -5.71 0.15 -52.87
N MET D 481 -5.39 1.36 -53.33
CA MET D 481 -4.11 1.99 -53.11
C MET D 481 -4.35 3.11 -52.12
N TRP D 482 -3.30 3.82 -51.73
CA TRP D 482 -3.42 4.83 -50.68
C TRP D 482 -2.82 6.17 -51.09
N VAL D 483 -3.67 7.17 -51.28
CA VAL D 483 -3.24 8.50 -51.65
C VAL D 483 -3.90 9.54 -50.75
N PRO D 484 -3.17 10.01 -49.74
CA PRO D 484 -3.71 10.94 -48.73
C PRO D 484 -3.96 12.36 -49.27
V VO4 E . 9.45 -3.53 29.56
O1 VO4 E . 8.66 -2.27 29.36
O3 VO4 E . 8.80 -4.88 29.38
N1 SPM F . 11.39 -2.23 54.51
C2 SPM F . 11.78 -2.03 53.12
C3 SPM F . 11.13 -3.07 52.23
C4 SPM F . 12.05 -3.49 51.08
N5 SPM F . 11.45 -3.20 49.79
C6 SPM F . 12.30 -3.05 48.63
C7 SPM F . 12.15 -4.18 47.61
C8 SPM F . 13.07 -3.88 46.44
C9 SPM F . 13.07 -5.01 45.42
N10 SPM F . 14.15 -4.82 44.46
C2 OTS G . 11.19 -5.92 33.40
C3 OTS G . 10.35 -5.40 32.41
C4 OTS G . 9.87 -4.09 32.51
O4 OTS G . 9.06 -3.58 31.54
C5 OTS G . 10.26 -3.31 33.59
C6 OTS G . 11.11 -3.82 34.58
C1 OTS G . 11.58 -5.13 34.49
C7 OTS G . 12.50 -5.72 35.56
O7 OTS G . 13.32 -4.70 36.14
C8 OTS G . 13.39 -6.78 34.95
N8 OTS G . 14.64 -6.16 34.49
C2 OTR H . 11.19 -5.92 33.40
C3 OTR H . 10.35 -5.40 32.41
C4 OTR H . 9.87 -4.09 32.51
O4 OTR H . 9.06 -3.58 31.54
C5 OTR H . 10.26 -3.31 33.59
C6 OTR H . 11.11 -3.82 34.58
C1 OTR H . 11.58 -5.13 34.49
C7 OTR H . 12.50 -5.72 35.56
O7 OTR H . 11.73 -6.33 36.61
C8 OTR H . 13.39 -6.78 34.95
N8 OTR H . 14.64 -6.16 34.49
V VO4 I . -5.37 7.10 -29.84
O1 VO4 I . -4.44 5.96 -29.70
O3 VO4 I . -6.86 6.89 -29.61
C2 OTS J . -7.68 8.99 -33.69
C3 OTS J . -7.28 8.13 -32.65
C4 OTS J . -6.13 7.36 -32.79
O4 OTS J . -5.72 6.53 -31.79
C5 OTS J . -5.40 7.43 -33.97
C6 OTS J . -5.81 8.29 -35.02
C1 OTS J . -6.95 9.07 -34.88
C7 OTS J . -7.40 10.00 -36.04
O7 OTS J . -6.28 10.52 -36.75
C8 OTS J . -8.17 11.21 -35.53
N8 OTS J . -7.20 12.26 -35.20
C2 OTR K . -7.68 8.99 -33.69
C3 OTR K . -7.28 8.13 -32.65
C4 OTR K . -6.13 7.36 -32.79
O4 OTR K . -5.72 6.53 -31.79
C5 OTR K . -5.40 7.43 -33.97
C6 OTR K . -5.81 8.29 -35.02
C1 OTR K . -6.95 9.07 -34.88
C7 OTR K . -7.40 10.00 -36.04
O7 OTR K . -8.26 9.29 -36.91
C8 OTR K . -8.17 11.21 -35.53
N8 OTR K . -7.20 12.26 -35.20
#